data_2ZMN
#
_entry.id   2ZMN
#
_cell.length_a   158.061
_cell.length_b   91.758
_cell.length_c   73.570
_cell.angle_alpha   90.00
_cell.angle_beta   90.00
_cell.angle_gamma   90.00
#
_symmetry.space_group_name_H-M   'P 21 21 2'
#
loop_
_entity.id
_entity.type
_entity.pdbx_description
1 polymer 'Basic agglutinin'
2 branched alpha-L-fucopyranose-(1-3)-[2-acetamido-2-deoxy-beta-D-glucopyranose-(1-4)]2-acetamido-2-deoxy-beta-D-glucopyranose
3 branched alpha-L-fucopyranose-(1-3)-2-acetamido-2-deoxy-beta-D-glucopyranose
4 branched alpha-D-galactopyranose-(1-6)-beta-D-glucopyranose
5 branched beta-D-mannopyranose-(1-4)-2-acetamido-2-deoxy-beta-D-glucopyranose-(1-4)-[alpha-L-fucopyranose-(1-3)]2-acetamido-2-deoxy-beta-D-glucopyranose
6 branched 2-acetamido-2-deoxy-beta-D-glucopyranose-(1-4)-2-acetamido-2-deoxy-beta-D-glucopyranose
7 non-polymer 'MANGANESE (II) ION'
8 non-polymer 'CALCIUM ION'
9 water water
#
_entity_poly.entity_id   1
_entity_poly.type   'polypeptide(L)'
_entity_poly.pdbx_seq_one_letter_code
;KTISFNFNQFHQNEEQLKLQRDARISSNSVLELTKVVNGVPTWNSTGRALYAKPVQVWDSTTGNVASFETRFSFSIRQPF
PRPHPADGLVFFIAPPNTQTGEGGGYFGIYNPLSPYPFVAVEFDTFRNTWDPQIPHIGIDVNSVISTKTVPFTLDNGGIA
NVVIKYDASTKILHVVLVFPSLGTIYTIADIVDLKQVLPESVNVGFSAATGDPSGKQRNATETHDILSWSFSASLPGTNE
F
;
_entity_poly.pdbx_strand_id   A,B,C,D
#
loop_
_chem_comp.id
_chem_comp.type
_chem_comp.name
_chem_comp.formula
BGC D-saccharide, beta linking beta-D-glucopyranose 'C6 H12 O6'
BMA D-saccharide, beta linking beta-D-mannopyranose 'C6 H12 O6'
CA non-polymer 'CALCIUM ION' 'Ca 2'
FUC L-saccharide, alpha linking alpha-L-fucopyranose 'C6 H12 O5'
GLA D-saccharide, alpha linking alpha-D-galactopyranose 'C6 H12 O6'
MN non-polymer 'MANGANESE (II) ION' 'Mn 2'
NAG D-saccharide, beta linking 2-acetamido-2-deoxy-beta-D-glucopyranose 'C8 H15 N O6'
#
# COMPACT_ATOMS: atom_id res chain seq x y z
N LYS A 1 -18.21 4.16 -9.59
CA LYS A 1 -18.88 5.36 -8.99
C LYS A 1 -17.98 6.57 -9.21
N THR A 2 -18.51 7.57 -9.90
CA THR A 2 -17.75 8.77 -10.18
C THR A 2 -18.56 10.04 -10.10
N ILE A 3 -18.02 11.04 -9.43
CA ILE A 3 -18.68 12.33 -9.34
C ILE A 3 -17.66 13.37 -9.79
N SER A 4 -18.13 14.36 -10.52
CA SER A 4 -17.21 15.40 -10.98
C SER A 4 -17.93 16.68 -11.42
N PHE A 5 -17.21 17.79 -11.37
CA PHE A 5 -17.76 19.04 -11.79
C PHE A 5 -16.66 19.99 -12.25
N ASN A 6 -17.01 20.98 -13.05
CA ASN A 6 -16.03 21.93 -13.54
C ASN A 6 -16.62 23.33 -13.65
N PHE A 7 -15.83 24.32 -13.29
CA PHE A 7 -16.25 25.71 -13.35
C PHE A 7 -15.20 26.51 -14.06
N ASN A 8 -15.48 26.96 -15.29
CA ASN A 8 -14.53 27.76 -16.06
C ASN A 8 -14.60 29.21 -15.62
N GLN A 9 -15.68 29.50 -14.91
CA GLN A 9 -15.96 30.83 -14.37
C GLN A 9 -17.14 30.62 -13.46
N PHE A 10 -17.46 31.63 -12.65
CA PHE A 10 -18.56 31.52 -11.73
C PHE A 10 -19.68 32.47 -12.09
N HIS A 11 -20.91 31.98 -12.07
CA HIS A 11 -22.06 32.82 -12.40
C HIS A 11 -22.73 33.38 -11.19
N GLN A 12 -23.23 34.60 -11.32
CA GLN A 12 -23.95 35.22 -10.23
C GLN A 12 -25.15 34.29 -9.96
N ASN A 13 -25.36 33.96 -8.69
CA ASN A 13 -26.46 33.10 -8.30
C ASN A 13 -26.31 31.66 -8.81
N GLU A 14 -25.08 31.14 -8.76
CA GLU A 14 -24.79 29.78 -9.18
C GLU A 14 -25.56 28.84 -8.27
N GLU A 15 -26.32 27.94 -8.88
CA GLU A 15 -27.15 27.01 -8.15
C GLU A 15 -26.41 25.84 -7.48
N GLN A 16 -25.22 25.50 -7.94
CA GLN A 16 -24.52 24.37 -7.35
C GLN A 16 -23.45 24.73 -6.33
N LEU A 17 -23.43 25.99 -5.92
CA LEU A 17 -22.48 26.46 -4.91
C LEU A 17 -23.27 26.87 -3.68
N LYS A 18 -22.60 26.95 -2.55
CA LYS A 18 -23.22 27.31 -1.29
C LYS A 18 -22.35 28.41 -0.75
N LEU A 19 -22.74 29.65 -0.93
CA LEU A 19 -21.94 30.73 -0.43
C LEU A 19 -22.29 31.01 1.02
N GLN A 20 -21.27 31.25 1.85
CA GLN A 20 -21.50 31.54 3.26
C GLN A 20 -20.76 32.78 3.71
N ARG A 21 -21.39 33.55 4.59
CA ARG A 21 -20.81 34.78 5.11
C ARG A 21 -20.44 35.71 3.97
N ASP A 22 -19.31 36.41 4.08
CA ASP A 22 -18.85 37.36 3.08
C ASP A 22 -18.64 36.87 1.66
N ALA A 23 -18.59 35.57 1.47
CA ALA A 23 -18.36 35.01 0.15
C ALA A 23 -19.43 35.48 -0.84
N ARG A 24 -18.99 35.94 -2.01
CA ARG A 24 -19.90 36.39 -3.03
C ARG A 24 -19.24 36.30 -4.43
N ILE A 25 -20.05 36.23 -5.48
CA ILE A 25 -19.55 36.14 -6.84
C ILE A 25 -19.60 37.50 -7.53
N SER A 26 -18.46 38.02 -7.97
CA SER A 26 -18.39 39.31 -8.62
C SER A 26 -19.07 39.28 -9.98
N SER A 27 -19.35 40.45 -10.52
CA SER A 27 -20.01 40.58 -11.81
C SER A 27 -19.19 40.02 -12.96
N ASN A 28 -17.89 40.25 -12.95
CA ASN A 28 -17.05 39.72 -14.02
C ASN A 28 -16.68 38.26 -13.78
N SER A 29 -17.51 37.58 -13.01
CA SER A 29 -17.40 36.17 -12.74
C SER A 29 -16.30 35.54 -11.89
N VAL A 30 -15.75 36.26 -10.93
CA VAL A 30 -14.76 35.63 -10.06
C VAL A 30 -15.43 35.37 -8.69
N LEU A 31 -14.97 34.35 -7.99
CA LEU A 31 -15.51 34.03 -6.68
C LEU A 31 -14.65 34.72 -5.63
N GLU A 32 -15.21 35.72 -4.96
CA GLU A 32 -14.48 36.44 -3.93
C GLU A 32 -14.88 35.91 -2.57
N LEU A 33 -13.99 35.17 -1.93
CA LEU A 33 -14.24 34.57 -0.64
C LEU A 33 -14.35 35.60 0.45
N THR A 34 -13.49 36.61 0.42
CA THR A 34 -13.54 37.64 1.43
C THR A 34 -14.05 38.94 0.84
N LYS A 35 -14.59 39.80 1.71
CA LYS A 35 -15.15 41.10 1.33
C LYS A 35 -14.15 42.00 0.64
N VAL A 36 -14.63 42.76 -0.33
CA VAL A 36 -13.81 43.71 -1.08
C VAL A 36 -14.77 44.80 -1.55
N VAL A 37 -14.57 46.04 -1.07
CA VAL A 37 -15.44 47.15 -1.43
C VAL A 37 -14.74 48.33 -2.10
N ASN A 38 -15.25 48.71 -3.27
CA ASN A 38 -14.69 49.82 -4.02
C ASN A 38 -13.33 49.42 -4.54
N GLY A 39 -13.15 48.13 -4.85
CA GLY A 39 -11.86 47.67 -5.33
C GLY A 39 -10.83 47.49 -4.24
N VAL A 40 -11.24 47.68 -2.98
CA VAL A 40 -10.31 47.54 -1.87
C VAL A 40 -10.72 46.44 -0.90
N PRO A 41 -9.76 45.56 -0.53
CA PRO A 41 -10.04 44.46 0.40
C PRO A 41 -10.20 44.96 1.82
N THR A 42 -11.21 44.43 2.51
CA THR A 42 -11.53 44.83 3.88
C THR A 42 -10.99 43.87 4.91
N TRP A 43 -10.80 44.35 6.13
CA TRP A 43 -10.33 43.50 7.21
C TRP A 43 -11.58 42.90 7.86
N ASN A 44 -11.41 42.04 8.86
CA ASN A 44 -12.55 41.46 9.56
C ASN A 44 -13.53 40.78 8.61
N SER A 45 -13.03 40.08 7.61
CA SER A 45 -13.90 39.37 6.66
C SER A 45 -13.68 37.87 6.65
N THR A 46 -14.71 37.13 6.34
CA THR A 46 -14.64 35.68 6.32
C THR A 46 -15.71 35.10 5.40
N GLY A 47 -15.30 34.24 4.47
CA GLY A 47 -16.27 33.64 3.57
C GLY A 47 -15.88 32.25 3.13
N ARG A 48 -16.86 31.43 2.83
CA ARG A 48 -16.64 30.07 2.39
C ARG A 48 -17.51 29.82 1.19
N ALA A 49 -17.16 28.80 0.41
CA ALA A 49 -17.91 28.40 -0.77
C ALA A 49 -17.87 26.89 -0.78
N LEU A 50 -19.01 26.23 -0.72
CA LEU A 50 -19.04 24.78 -0.73
C LEU A 50 -19.75 24.26 -1.95
N TYR A 51 -19.41 23.07 -2.39
CA TYR A 51 -20.10 22.49 -3.53
C TYR A 51 -21.41 21.96 -2.94
N ALA A 52 -22.54 22.42 -3.47
CA ALA A 52 -23.87 22.04 -2.99
C ALA A 52 -24.09 20.58 -2.63
N LYS A 53 -23.85 19.66 -3.55
CA LYS A 53 -24.06 18.25 -3.23
C LYS A 53 -22.89 17.69 -2.45
N PRO A 54 -23.16 16.74 -1.55
CA PRO A 54 -22.08 16.15 -0.77
C PRO A 54 -21.41 15.06 -1.59
N VAL A 55 -20.15 14.75 -1.29
CA VAL A 55 -19.43 13.72 -2.01
C VAL A 55 -19.09 12.59 -1.05
N GLN A 56 -19.03 11.36 -1.56
CA GLN A 56 -18.71 10.23 -0.72
C GLN A 56 -17.25 9.88 -0.86
N VAL A 57 -16.45 10.10 0.18
CA VAL A 57 -15.03 9.78 0.12
C VAL A 57 -14.69 8.33 0.51
N TRP A 58 -15.59 7.67 1.21
CA TRP A 58 -15.37 6.26 1.55
C TRP A 58 -16.67 5.56 1.91
N ASP A 59 -16.69 4.24 1.70
CA ASP A 59 -17.85 3.41 1.92
C ASP A 59 -17.63 2.38 2.98
N SER A 60 -18.33 2.53 4.10
CA SER A 60 -18.20 1.61 5.23
C SER A 60 -18.45 0.15 4.86
N THR A 61 -19.34 -0.08 3.90
CA THR A 61 -19.67 -1.43 3.45
C THR A 61 -18.46 -2.16 2.88
N THR A 62 -17.90 -1.61 1.81
CA THR A 62 -16.75 -2.21 1.15
C THR A 62 -15.45 -1.87 1.84
N GLY A 63 -15.43 -0.74 2.55
CA GLY A 63 -14.22 -0.32 3.23
C GLY A 63 -13.33 0.56 2.37
N ASN A 64 -13.66 0.64 1.08
CA ASN A 64 -12.91 1.42 0.12
C ASN A 64 -12.97 2.92 0.36
N VAL A 65 -11.84 3.58 0.14
CA VAL A 65 -11.78 5.03 0.27
C VAL A 65 -11.56 5.55 -1.16
N ALA A 66 -12.06 6.74 -1.46
CA ALA A 66 -11.95 7.30 -2.79
C ALA A 66 -10.66 8.00 -3.11
N SER A 67 -10.39 8.13 -4.41
CA SER A 67 -9.22 8.84 -4.88
C SER A 67 -9.84 10.04 -5.55
N PHE A 68 -9.19 11.18 -5.45
CA PHE A 68 -9.74 12.37 -6.08
C PHE A 68 -8.66 13.31 -6.57
N GLU A 69 -9.04 14.17 -7.51
CA GLU A 69 -8.16 15.17 -8.06
C GLU A 69 -8.93 16.47 -8.18
N THR A 70 -8.34 17.59 -7.73
CA THR A 70 -9.02 18.86 -7.87
C THR A 70 -8.02 19.90 -8.34
N ARG A 71 -8.45 20.79 -9.19
CA ARG A 71 -7.59 21.83 -9.73
C ARG A 71 -8.35 23.17 -9.66
N PHE A 72 -7.63 24.23 -9.31
CA PHE A 72 -8.27 25.53 -9.24
C PHE A 72 -7.26 26.63 -9.38
N SER A 73 -7.72 27.81 -9.76
CA SER A 73 -6.85 28.96 -9.87
C SER A 73 -7.33 30.01 -8.91
N PHE A 74 -6.40 30.69 -8.26
CA PHE A 74 -6.80 31.70 -7.32
C PHE A 74 -5.91 32.89 -7.49
N SER A 75 -6.26 33.98 -6.83
CA SER A 75 -5.46 35.18 -6.89
C SER A 75 -5.56 35.92 -5.58
N ILE A 76 -4.40 36.31 -5.06
CA ILE A 76 -4.35 37.05 -3.81
C ILE A 76 -3.65 38.38 -4.07
N ARG A 77 -4.38 39.49 -3.96
CA ARG A 77 -3.78 40.79 -4.18
C ARG A 77 -3.56 41.42 -2.82
N GLN A 78 -2.34 41.88 -2.57
CA GLN A 78 -1.99 42.52 -1.30
C GLN A 78 -1.68 44.00 -1.50
N PRO A 79 -2.69 44.87 -1.40
CA PRO A 79 -2.56 46.31 -1.56
C PRO A 79 -1.70 46.99 -0.52
N PHE A 80 -1.75 46.50 0.71
CA PHE A 80 -1.00 47.11 1.79
C PHE A 80 0.15 46.23 2.32
N PRO A 81 1.36 46.43 1.78
CA PRO A 81 2.54 45.67 2.17
C PRO A 81 2.82 45.70 3.66
N ARG A 82 2.75 46.88 4.27
CA ARG A 82 3.00 47.04 5.71
C ARG A 82 1.70 47.42 6.41
N PRO A 83 1.47 46.96 7.64
CA PRO A 83 2.26 46.10 8.54
C PRO A 83 2.29 44.64 8.17
N HIS A 84 1.20 44.12 7.63
CA HIS A 84 1.18 42.72 7.27
C HIS A 84 -0.16 42.17 6.77
N PRO A 85 -0.17 41.58 5.56
CA PRO A 85 -1.39 41.01 4.97
C PRO A 85 -1.86 39.80 5.80
N ALA A 86 -3.16 39.46 5.69
CA ALA A 86 -3.73 38.32 6.40
C ALA A 86 -5.10 37.97 5.84
N ASP A 87 -5.55 36.72 5.95
CA ASP A 87 -4.78 35.66 6.58
C ASP A 87 -4.46 34.50 5.62
N GLY A 88 -5.21 34.41 4.53
CA GLY A 88 -5.00 33.35 3.58
C GLY A 88 -6.27 32.59 3.28
N LEU A 89 -6.18 31.64 2.34
CA LEU A 89 -7.31 30.83 1.93
C LEU A 89 -6.92 29.38 2.00
N VAL A 90 -7.92 28.50 2.03
CA VAL A 90 -7.67 27.05 2.10
C VAL A 90 -8.66 26.26 1.28
N PHE A 91 -8.24 25.09 0.82
CA PHE A 91 -9.15 24.21 0.13
C PHE A 91 -9.47 23.20 1.25
N PHE A 92 -10.72 22.84 1.45
CA PHE A 92 -10.96 21.92 2.55
C PHE A 92 -12.08 20.92 2.33
N ILE A 93 -11.99 19.81 3.07
CA ILE A 93 -12.97 18.74 3.06
C ILE A 93 -13.50 18.66 4.50
N ALA A 94 -14.79 18.66 4.68
CA ALA A 94 -15.36 18.59 6.04
C ALA A 94 -16.70 17.85 6.08
N PRO A 95 -17.28 17.69 7.28
CA PRO A 95 -18.57 16.97 7.29
C PRO A 95 -19.63 17.84 6.68
N PRO A 96 -20.71 17.24 6.19
CA PRO A 96 -21.76 18.05 5.57
C PRO A 96 -22.49 18.98 6.48
N ASN A 97 -22.85 20.13 5.96
CA ASN A 97 -23.60 21.12 6.74
C ASN A 97 -22.89 21.69 7.96
N THR A 98 -21.74 22.31 7.77
CA THR A 98 -21.00 22.91 8.88
C THR A 98 -21.11 24.42 8.79
N GLN A 99 -21.00 25.10 9.93
CA GLN A 99 -21.10 26.53 9.97
C GLN A 99 -19.73 27.15 9.88
N THR A 100 -19.63 28.35 9.32
CA THR A 100 -18.35 29.03 9.26
C THR A 100 -17.75 29.08 10.67
N GLY A 101 -16.46 28.77 10.77
CA GLY A 101 -15.81 28.82 12.06
C GLY A 101 -15.16 30.16 12.33
N GLU A 102 -14.18 30.14 13.22
CA GLU A 102 -13.45 31.33 13.61
C GLU A 102 -12.70 31.92 12.44
N GLY A 103 -12.58 33.23 12.39
CA GLY A 103 -11.88 33.88 11.29
C GLY A 103 -10.40 34.00 11.56
N GLY A 104 -9.77 35.02 11.02
CA GLY A 104 -8.35 35.22 11.22
C GLY A 104 -7.50 34.03 10.85
N GLY A 105 -6.55 33.67 11.71
CA GLY A 105 -5.68 32.55 11.45
C GLY A 105 -6.37 31.20 11.39
N TYR A 106 -7.69 31.18 11.58
CA TYR A 106 -8.42 29.93 11.53
C TYR A 106 -9.11 29.73 10.19
N PHE A 107 -8.93 30.72 9.30
CA PHE A 107 -9.48 30.67 7.95
C PHE A 107 -10.99 30.45 7.84
N GLY A 108 -11.69 30.35 8.96
CA GLY A 108 -13.11 30.11 8.92
C GLY A 108 -13.48 28.64 8.92
N ILE A 109 -12.51 27.75 9.10
CA ILE A 109 -12.82 26.32 9.12
C ILE A 109 -12.73 25.69 10.49
N TYR A 110 -12.04 26.34 11.41
CA TYR A 110 -11.91 25.80 12.77
C TYR A 110 -12.79 26.56 13.74
N ASN A 111 -13.59 25.81 14.50
CA ASN A 111 -14.49 26.38 15.50
C ASN A 111 -14.19 25.78 16.87
N PRO A 112 -13.41 26.48 17.69
CA PRO A 112 -13.02 26.03 19.02
C PRO A 112 -14.18 25.53 19.89
N LEU A 113 -15.33 26.17 19.77
CA LEU A 113 -16.46 25.77 20.60
C LEU A 113 -17.19 24.55 20.15
N SER A 114 -16.88 24.06 18.96
CA SER A 114 -17.54 22.88 18.41
C SER A 114 -16.69 22.34 17.26
N PRO A 115 -15.46 21.92 17.58
CA PRO A 115 -14.62 21.42 16.52
C PRO A 115 -15.16 20.24 15.76
N TYR A 116 -15.14 20.34 14.43
CA TYR A 116 -15.56 19.25 13.55
C TYR A 116 -14.30 18.86 12.76
N PRO A 117 -14.16 17.57 12.45
CA PRO A 117 -12.99 17.12 11.70
C PRO A 117 -12.91 17.72 10.30
N PHE A 118 -11.69 17.79 9.75
CA PHE A 118 -11.49 18.31 8.42
C PHE A 118 -10.09 18.10 7.94
N VAL A 119 -9.95 18.04 6.62
CA VAL A 119 -8.64 17.92 5.97
C VAL A 119 -8.60 19.18 5.11
N ALA A 120 -7.47 19.86 5.09
CA ALA A 120 -7.38 21.06 4.32
C ALA A 120 -5.98 21.37 3.82
N VAL A 121 -5.90 22.04 2.69
CA VAL A 121 -4.61 22.46 2.13
C VAL A 121 -4.68 23.99 2.25
N GLU A 122 -3.74 24.58 3.00
CA GLU A 122 -3.78 26.01 3.21
C GLU A 122 -2.72 26.79 2.50
N PHE A 123 -3.06 28.03 2.16
CA PHE A 123 -2.15 28.96 1.51
C PHE A 123 -2.14 30.13 2.50
N ASP A 124 -1.24 30.00 3.47
CA ASP A 124 -1.11 30.92 4.58
C ASP A 124 -0.26 32.14 4.32
N THR A 125 -0.81 33.31 4.58
CA THR A 125 -0.11 34.57 4.35
C THR A 125 0.27 35.34 5.61
N PHE A 126 -0.28 34.95 6.76
CA PHE A 126 0.02 35.61 8.03
C PHE A 126 0.68 34.63 8.99
N ARG A 127 1.70 35.08 9.72
CA ARG A 127 2.38 34.20 10.66
C ARG A 127 1.84 34.24 12.10
N ASN A 128 1.08 33.21 12.47
CA ASN A 128 0.54 33.11 13.82
C ASN A 128 1.62 32.49 14.69
N THR A 129 1.32 32.32 15.98
CA THR A 129 2.31 31.77 16.89
C THR A 129 2.73 30.37 16.52
N TRP A 130 1.82 29.63 15.88
CA TRP A 130 2.08 28.25 15.47
C TRP A 130 2.60 28.07 14.06
N ASP A 131 2.86 29.17 13.35
CA ASP A 131 3.31 29.14 11.97
C ASP A 131 4.75 29.31 11.69
N PRO A 132 5.24 28.68 10.62
CA PRO A 132 6.63 28.79 10.21
C PRO A 132 6.62 30.08 9.39
N GLN A 133 7.72 30.49 8.78
CA GLN A 133 7.67 31.72 8.03
C GLN A 133 6.59 31.65 6.97
N ILE A 134 6.10 32.80 6.51
CA ILE A 134 5.07 32.86 5.49
C ILE A 134 5.52 33.65 4.27
N PRO A 135 4.82 33.49 3.14
CA PRO A 135 3.65 32.64 2.92
C PRO A 135 4.11 31.18 2.85
N HIS A 136 3.19 30.25 3.09
CA HIS A 136 3.52 28.85 2.98
C HIS A 136 2.30 27.99 2.70
N ILE A 137 2.55 26.85 2.07
CA ILE A 137 1.50 25.88 1.77
C ILE A 137 1.58 24.94 2.94
N GLY A 138 0.44 24.49 3.42
CA GLY A 138 0.47 23.58 4.55
C GLY A 138 -0.63 22.57 4.43
N ILE A 139 -0.38 21.38 4.96
CA ILE A 139 -1.40 20.34 4.95
C ILE A 139 -1.92 20.21 6.37
N ASP A 140 -3.22 20.46 6.54
CA ASP A 140 -3.86 20.42 7.84
C ASP A 140 -4.85 19.29 8.03
N VAL A 141 -4.80 18.66 9.19
CA VAL A 141 -5.70 17.58 9.53
C VAL A 141 -6.29 17.91 10.89
N ASN A 142 -7.59 18.21 10.94
CA ASN A 142 -8.29 18.54 12.19
C ASN A 142 -7.74 19.74 12.96
N SER A 143 -6.63 20.29 12.48
CA SER A 143 -6.03 21.41 13.15
C SER A 143 -5.46 22.38 12.11
N VAL A 144 -5.18 23.61 12.55
CA VAL A 144 -4.63 24.62 11.67
C VAL A 144 -3.12 24.61 11.84
N ILE A 145 -2.62 23.65 12.63
CA ILE A 145 -1.19 23.50 12.86
C ILE A 145 -0.76 22.41 11.90
N SER A 146 -0.33 22.83 10.71
CA SER A 146 0.07 21.92 9.61
C SER A 146 0.96 20.76 10.00
N THR A 147 0.76 19.64 9.33
CA THR A 147 1.55 18.44 9.55
C THR A 147 2.83 18.63 8.73
N LYS A 148 2.67 19.12 7.51
CA LYS A 148 3.79 19.37 6.60
C LYS A 148 3.66 20.79 6.13
N THR A 149 4.77 21.44 5.83
CA THR A 149 4.74 22.83 5.41
C THR A 149 5.82 23.13 4.39
N VAL A 150 5.52 23.99 3.44
CA VAL A 150 6.54 24.40 2.48
C VAL A 150 6.35 25.89 2.18
N PRO A 151 7.44 26.65 2.14
CA PRO A 151 7.33 28.08 1.86
C PRO A 151 7.26 28.39 0.38
N PHE A 152 6.58 29.47 0.03
CA PHE A 152 6.49 29.90 -1.36
C PHE A 152 6.43 31.44 -1.44
N THR A 153 6.87 31.99 -2.58
CA THR A 153 6.83 33.41 -2.78
C THR A 153 5.62 33.70 -3.62
N LEU A 154 4.72 34.51 -3.09
CA LEU A 154 3.48 34.87 -3.78
C LEU A 154 3.71 35.78 -4.98
N ASP A 155 2.79 35.73 -5.94
CA ASP A 155 2.86 36.61 -7.10
C ASP A 155 1.68 37.55 -6.86
N ASN A 156 1.95 38.67 -6.19
CA ASN A 156 0.93 39.65 -5.86
C ASN A 156 -0.04 39.93 -6.99
N GLY A 157 -1.33 39.67 -6.75
CA GLY A 157 -2.35 39.90 -7.76
C GLY A 157 -2.23 39.02 -9.00
N GLY A 158 -1.18 38.21 -9.07
CA GLY A 158 -0.99 37.32 -10.21
C GLY A 158 -1.89 36.10 -10.12
N ILE A 159 -1.79 35.19 -11.08
CA ILE A 159 -2.62 33.99 -11.08
C ILE A 159 -1.83 32.79 -10.59
N ALA A 160 -2.49 31.93 -9.83
CA ALA A 160 -1.87 30.74 -9.32
C ALA A 160 -2.67 29.53 -9.72
N ASN A 161 -1.98 28.49 -10.18
CA ASN A 161 -2.62 27.23 -10.56
C ASN A 161 -2.25 26.20 -9.50
N VAL A 162 -3.26 25.57 -8.94
CA VAL A 162 -3.08 24.57 -7.90
C VAL A 162 -3.65 23.22 -8.39
N VAL A 163 -2.94 22.16 -8.05
CA VAL A 163 -3.39 20.83 -8.38
C VAL A 163 -3.25 20.02 -7.10
N ILE A 164 -4.37 19.54 -6.57
CA ILE A 164 -4.34 18.69 -5.38
C ILE A 164 -4.79 17.31 -5.82
N LYS A 165 -4.04 16.28 -5.46
CA LYS A 165 -4.37 14.91 -5.84
C LYS A 165 -4.24 13.95 -4.67
N TYR A 166 -5.16 13.00 -4.57
CA TYR A 166 -5.13 12.02 -3.48
C TYR A 166 -5.26 10.58 -3.96
N ASP A 167 -4.26 9.74 -3.67
CA ASP A 167 -4.33 8.32 -4.05
C ASP A 167 -4.74 7.49 -2.83
N ALA A 168 -5.90 6.85 -2.91
CA ALA A 168 -6.39 6.05 -1.81
C ALA A 168 -5.45 4.87 -1.55
N SER A 169 -4.86 4.32 -2.58
CA SER A 169 -3.98 3.19 -2.43
C SER A 169 -2.73 3.49 -1.62
N THR A 170 -2.11 4.63 -1.85
CA THR A 170 -0.90 4.96 -1.10
C THR A 170 -1.18 5.93 0.01
N LYS A 171 -2.38 6.50 0.03
CA LYS A 171 -2.79 7.47 1.03
C LYS A 171 -1.97 8.74 0.93
N ILE A 172 -1.38 8.98 -0.25
CA ILE A 172 -0.56 10.17 -0.45
C ILE A 172 -1.39 11.33 -0.95
N LEU A 173 -1.29 12.47 -0.27
CA LEU A 173 -1.99 13.67 -0.69
C LEU A 173 -0.91 14.62 -1.21
N HIS A 174 -0.82 14.83 -2.52
CA HIS A 174 0.19 15.74 -3.04
C HIS A 174 -0.43 16.96 -3.66
N VAL A 175 0.15 18.13 -3.35
CA VAL A 175 -0.31 19.38 -3.87
C VAL A 175 0.77 20.10 -4.62
N VAL A 176 0.40 20.74 -5.72
CA VAL A 176 1.32 21.50 -6.56
C VAL A 176 0.81 22.92 -6.74
N LEU A 177 1.69 23.88 -6.57
CA LEU A 177 1.34 25.28 -6.73
C LEU A 177 2.22 25.86 -7.82
N VAL A 178 1.64 26.44 -8.85
CA VAL A 178 2.41 27.00 -9.93
C VAL A 178 1.98 28.43 -10.24
N PHE A 179 2.95 29.32 -10.33
CA PHE A 179 2.69 30.72 -10.67
C PHE A 179 3.18 30.90 -12.09
N PRO A 180 2.30 30.68 -13.10
CA PRO A 180 2.64 30.79 -14.51
C PRO A 180 3.42 32.02 -14.94
N SER A 181 3.10 33.18 -14.40
CA SER A 181 3.82 34.39 -14.77
C SER A 181 5.26 34.41 -14.29
N LEU A 182 5.54 33.76 -13.18
CA LEU A 182 6.90 33.71 -12.65
C LEU A 182 7.61 32.41 -13.04
N GLY A 183 6.82 31.42 -13.46
CA GLY A 183 7.38 30.14 -13.83
C GLY A 183 7.90 29.35 -12.64
N THR A 184 7.42 29.67 -11.45
CA THR A 184 7.85 28.97 -10.25
C THR A 184 6.95 27.80 -9.93
N ILE A 185 7.52 26.75 -9.35
CA ILE A 185 6.77 25.56 -8.99
C ILE A 185 7.06 25.14 -7.58
N TYR A 186 6.01 24.95 -6.78
CA TYR A 186 6.16 24.53 -5.38
C TYR A 186 5.43 23.24 -5.21
N THR A 187 6.05 22.27 -4.56
CA THR A 187 5.40 20.99 -4.35
C THR A 187 5.48 20.50 -2.90
N ILE A 188 4.44 19.80 -2.45
CA ILE A 188 4.40 19.30 -1.10
C ILE A 188 3.48 18.09 -1.05
N ALA A 189 3.80 17.14 -0.19
CA ALA A 189 3.00 15.94 -0.10
C ALA A 189 3.07 15.33 1.29
N ASP A 190 2.03 14.59 1.68
CA ASP A 190 2.03 13.93 2.95
C ASP A 190 1.03 12.79 2.95
N ILE A 191 1.13 11.92 3.95
CA ILE A 191 0.22 10.78 4.06
C ILE A 191 -0.95 11.12 4.95
N VAL A 192 -2.15 10.94 4.44
CA VAL A 192 -3.36 11.23 5.19
C VAL A 192 -4.35 10.10 4.95
N ASP A 193 -4.92 9.59 6.03
CA ASP A 193 -5.90 8.51 5.91
C ASP A 193 -7.27 9.15 6.10
N LEU A 194 -7.92 9.46 4.99
CA LEU A 194 -9.25 10.07 5.06
C LEU A 194 -10.23 9.25 5.89
N LYS A 195 -10.23 7.94 5.63
CA LYS A 195 -11.11 6.98 6.30
C LYS A 195 -11.03 7.10 7.81
N GLN A 196 -9.85 7.51 8.28
CA GLN A 196 -9.59 7.64 9.69
C GLN A 196 -9.97 8.96 10.31
N VAL A 197 -10.19 9.99 9.50
CA VAL A 197 -10.51 11.32 10.03
C VAL A 197 -11.86 11.89 9.65
N LEU A 198 -12.40 11.47 8.50
CA LEU A 198 -13.66 11.99 8.00
C LEU A 198 -14.79 10.98 7.86
N PRO A 199 -16.02 11.46 7.84
CA PRO A 199 -17.21 10.61 7.70
C PRO A 199 -17.32 10.14 6.23
N GLU A 200 -18.21 9.20 5.95
CA GLU A 200 -18.35 8.70 4.59
C GLU A 200 -18.69 9.74 3.57
N SER A 201 -19.52 10.69 3.96
CA SER A 201 -19.92 11.78 3.05
C SER A 201 -19.42 13.10 3.56
N VAL A 202 -18.90 13.92 2.67
CA VAL A 202 -18.35 15.19 3.06
C VAL A 202 -18.73 16.28 2.07
N ASN A 203 -18.29 17.50 2.38
CA ASN A 203 -18.48 18.67 1.53
C ASN A 203 -17.09 19.13 1.16
N VAL A 204 -16.93 19.67 -0.04
CA VAL A 204 -15.62 20.16 -0.46
C VAL A 204 -15.78 21.61 -0.87
N GLY A 205 -14.81 22.45 -0.53
CA GLY A 205 -14.94 23.84 -0.91
C GLY A 205 -13.75 24.66 -0.49
N PHE A 206 -13.93 25.98 -0.48
CA PHE A 206 -12.87 26.91 -0.10
C PHE A 206 -13.34 27.77 1.06
N SER A 207 -12.38 28.36 1.76
CA SER A 207 -12.66 29.24 2.87
C SER A 207 -11.49 30.18 2.96
N ALA A 208 -11.74 31.42 3.35
CA ALA A 208 -10.67 32.40 3.47
C ALA A 208 -11.01 33.42 4.53
N ALA A 209 -10.03 34.20 4.96
CA ALA A 209 -10.27 35.20 5.99
C ALA A 209 -9.22 36.31 5.99
N THR A 210 -9.67 37.52 6.29
CA THR A 210 -8.76 38.67 6.37
C THR A 210 -8.49 38.99 7.82
N GLY A 211 -7.60 39.95 8.04
CA GLY A 211 -7.22 40.35 9.38
C GLY A 211 -8.30 40.45 10.44
N ASP A 212 -8.03 39.89 11.62
CA ASP A 212 -8.97 39.94 12.74
C ASP A 212 -8.89 41.32 13.43
N PRO A 213 -10.05 41.87 13.86
CA PRO A 213 -10.09 43.17 14.53
C PRO A 213 -9.20 43.26 15.76
N SER A 214 -9.11 42.18 16.54
CA SER A 214 -8.29 42.19 17.75
C SER A 214 -6.86 42.56 17.44
N GLY A 215 -6.43 42.35 16.20
CA GLY A 215 -5.07 42.69 15.82
C GLY A 215 -4.93 44.19 15.68
N LYS A 216 -6.07 44.87 15.62
CA LYS A 216 -6.12 46.32 15.50
C LYS A 216 -5.28 46.85 14.35
N GLN A 217 -5.49 46.26 13.17
CA GLN A 217 -4.75 46.66 11.98
C GLN A 217 -5.61 46.46 10.75
N ARG A 218 -6.22 47.53 10.27
CA ARG A 218 -7.08 47.45 9.08
C ARG A 218 -6.32 47.10 7.82
N ASN A 219 -5.01 47.34 7.81
CA ASN A 219 -4.18 47.05 6.67
C ASN A 219 -3.94 45.55 6.59
N ALA A 220 -4.34 44.83 7.62
CA ALA A 220 -4.15 43.39 7.66
C ALA A 220 -5.21 42.74 6.79
N THR A 221 -5.08 42.88 5.49
CA THR A 221 -6.07 42.32 4.59
C THR A 221 -5.51 42.07 3.18
N GLU A 222 -6.31 41.43 2.34
CA GLU A 222 -5.94 41.09 0.96
C GLU A 222 -7.17 40.46 0.31
N THR A 223 -7.07 40.11 -0.96
CA THR A 223 -8.21 39.49 -1.62
C THR A 223 -7.98 37.98 -1.66
N HIS A 224 -9.07 37.23 -1.82
CA HIS A 224 -8.96 35.79 -1.88
C HIS A 224 -9.92 35.34 -2.96
N ASP A 225 -9.55 35.54 -4.21
CA ASP A 225 -10.42 35.17 -5.32
C ASP A 225 -10.11 33.83 -5.96
N ILE A 226 -11.16 33.06 -6.22
CA ILE A 226 -11.00 31.78 -6.91
C ILE A 226 -11.52 32.07 -8.32
N LEU A 227 -10.67 31.81 -9.31
CA LEU A 227 -10.96 32.06 -10.68
C LEU A 227 -11.64 30.90 -11.37
N SER A 228 -11.33 29.67 -11.01
CA SER A 228 -11.95 28.51 -11.65
C SER A 228 -11.84 27.29 -10.74
N TRP A 229 -12.63 26.26 -10.98
CA TRP A 229 -12.55 25.09 -10.10
C TRP A 229 -13.10 23.81 -10.68
N SER A 230 -12.33 22.72 -10.60
CA SER A 230 -12.77 21.41 -11.07
C SER A 230 -12.48 20.34 -10.05
N PHE A 231 -13.42 19.41 -9.90
CA PHE A 231 -13.31 18.33 -8.91
C PHE A 231 -13.80 17.04 -9.52
N SER A 232 -13.12 15.95 -9.19
CA SER A 232 -13.43 14.60 -9.68
C SER A 232 -13.00 13.56 -8.62
N ALA A 233 -13.91 12.69 -8.23
CA ALA A 233 -13.61 11.64 -7.24
C ALA A 233 -14.11 10.26 -7.74
N SER A 234 -13.41 9.20 -7.38
CA SER A 234 -13.80 7.84 -7.76
C SER A 234 -13.88 6.92 -6.56
N LEU A 235 -14.96 6.16 -6.47
CA LEU A 235 -15.13 5.22 -5.37
C LEU A 235 -15.44 3.84 -5.94
N PRO A 236 -14.43 2.95 -5.98
CA PRO A 236 -14.62 1.60 -6.51
C PRO A 236 -15.68 0.81 -5.74
N GLY A 237 -16.13 1.41 -4.63
CA GLY A 237 -17.18 0.80 -3.80
C GLY A 237 -18.58 1.37 -4.10
N LYS B 1 24.91 16.34 5.90
CA LYS B 1 25.97 16.10 4.86
C LYS B 1 25.41 16.41 3.47
N THR B 2 25.00 17.67 3.30
CA THR B 2 24.43 18.16 2.06
C THR B 2 25.38 18.31 0.87
N ILE B 3 25.04 17.62 -0.21
CA ILE B 3 25.78 17.67 -1.46
C ILE B 3 24.84 18.20 -2.53
N SER B 4 25.31 19.15 -3.33
CA SER B 4 24.46 19.69 -4.39
C SER B 4 25.29 20.18 -5.56
N PHE B 5 24.60 20.54 -6.64
CA PHE B 5 25.26 21.04 -7.84
C PHE B 5 24.18 21.59 -8.76
N ASN B 6 24.60 22.36 -9.75
CA ASN B 6 23.63 22.97 -10.64
C ASN B 6 24.20 23.34 -11.97
N PHE B 7 23.62 22.83 -13.04
CA PHE B 7 24.05 23.14 -14.42
C PHE B 7 22.95 24.02 -15.05
N ASN B 8 23.30 25.23 -15.50
CA ASN B 8 22.33 26.09 -16.13
C ASN B 8 22.41 25.87 -17.62
N GLN B 9 23.48 25.17 -18.01
CA GLN B 9 23.73 24.79 -19.41
C GLN B 9 24.88 23.82 -19.32
N PHE B 10 25.17 23.13 -20.41
CA PHE B 10 26.27 22.16 -20.39
C PHE B 10 27.36 22.68 -21.31
N HIS B 11 28.55 22.85 -20.77
CA HIS B 11 29.66 23.35 -21.55
C HIS B 11 30.32 22.22 -22.29
N GLN B 12 30.89 22.53 -23.44
CA GLN B 12 31.54 21.50 -24.25
C GLN B 12 32.43 20.61 -23.38
N ASN B 13 32.20 19.30 -23.47
CA ASN B 13 32.96 18.31 -22.69
C ASN B 13 33.07 18.69 -21.21
N GLU B 14 31.99 18.49 -20.46
CA GLU B 14 32.00 18.81 -19.04
C GLU B 14 32.88 17.81 -18.31
N GLU B 15 33.59 18.28 -17.30
CA GLU B 15 34.47 17.43 -16.52
C GLU B 15 33.68 16.82 -15.36
N GLN B 16 32.48 17.36 -15.14
CA GLN B 16 31.60 16.92 -14.06
C GLN B 16 30.67 15.80 -14.50
N LEU B 17 30.57 15.56 -15.79
CA LEU B 17 29.69 14.52 -16.32
C LEU B 17 30.37 13.37 -17.05
N LYS B 18 29.71 12.23 -17.02
CA LYS B 18 30.17 11.02 -17.68
C LYS B 18 29.16 10.73 -18.76
N LEU B 19 29.55 10.94 -20.00
CA LEU B 19 28.67 10.67 -21.14
C LEU B 19 28.93 9.25 -21.60
N GLN B 20 27.86 8.52 -21.91
CA GLN B 20 27.97 7.14 -22.36
C GLN B 20 27.21 6.90 -23.66
N ARG B 21 27.77 6.05 -24.52
CA ARG B 21 27.17 5.73 -25.80
C ARG B 21 26.87 7.00 -26.60
N ASP B 22 25.74 7.04 -27.29
CA ASP B 22 25.36 8.19 -28.11
C ASP B 22 25.24 9.56 -27.45
N ALA B 23 25.20 9.60 -26.12
CA ALA B 23 25.09 10.87 -25.42
C ALA B 23 26.23 11.82 -25.77
N ARG B 24 25.89 13.05 -26.10
CA ARG B 24 26.87 14.05 -26.43
C ARG B 24 26.33 15.45 -26.17
N ILE B 25 27.21 16.44 -25.99
CA ILE B 25 26.79 17.83 -25.75
C ILE B 25 26.91 18.66 -27.02
N SER B 26 25.79 19.22 -27.47
CA SER B 26 25.79 20.02 -28.69
C SER B 26 26.56 21.33 -28.51
N SER B 27 26.89 21.96 -29.62
CA SER B 27 27.64 23.21 -29.61
C SER B 27 26.90 24.34 -28.89
N ASN B 28 25.60 24.47 -29.12
CA ASN B 28 24.85 25.53 -28.46
C ASN B 28 24.47 25.15 -27.02
N SER B 29 25.26 24.21 -26.46
CA SER B 29 25.16 23.76 -25.07
C SER B 29 24.04 22.86 -24.51
N VAL B 30 23.23 22.22 -25.35
CA VAL B 30 22.20 21.36 -24.82
C VAL B 30 22.77 19.94 -24.72
N LEU B 31 22.26 19.15 -23.76
CA LEU B 31 22.72 17.78 -23.58
C LEU B 31 21.79 16.86 -24.40
N GLU B 32 22.31 16.27 -25.47
CA GLU B 32 21.54 15.38 -26.31
C GLU B 32 21.82 13.95 -25.92
N LEU B 33 20.87 13.31 -25.26
CA LEU B 33 21.04 11.93 -24.80
C LEU B 33 21.10 10.95 -25.95
N THR B 34 20.26 11.15 -26.96
CA THR B 34 20.27 10.25 -28.10
C THR B 34 20.82 10.96 -29.32
N LYS B 35 21.20 10.17 -30.32
CA LYS B 35 21.77 10.68 -31.55
C LYS B 35 20.81 11.47 -32.42
N VAL B 36 21.35 12.53 -33.01
CA VAL B 36 20.61 13.36 -33.94
C VAL B 36 21.65 13.89 -34.94
N VAL B 37 21.41 13.70 -36.25
CA VAL B 37 22.36 14.12 -37.27
C VAL B 37 21.80 15.09 -38.30
N ASN B 38 22.45 16.25 -38.41
CA ASN B 38 22.02 17.26 -39.35
C ASN B 38 20.62 17.75 -39.03
N GLY B 39 20.29 17.76 -37.74
CA GLY B 39 18.99 18.23 -37.29
C GLY B 39 17.87 17.20 -37.23
N VAL B 40 18.20 15.95 -37.56
CA VAL B 40 17.19 14.89 -37.56
C VAL B 40 17.54 13.77 -36.58
N PRO B 41 16.58 13.37 -35.73
CA PRO B 41 16.79 12.31 -34.75
C PRO B 41 16.86 10.94 -35.44
N THR B 42 17.82 10.13 -35.02
CA THR B 42 18.05 8.81 -35.57
C THR B 42 17.45 7.69 -34.72
N TRP B 43 17.17 6.56 -35.35
CA TRP B 43 16.62 5.41 -34.63
C TRP B 43 17.82 4.62 -34.13
N ASN B 44 17.58 3.55 -33.39
CA ASN B 44 18.68 2.71 -32.92
C ASN B 44 19.74 3.49 -32.14
N SER B 45 19.30 4.44 -31.32
CA SER B 45 20.23 5.23 -30.53
C SER B 45 19.99 5.05 -29.03
N THR B 46 21.06 5.19 -28.25
CA THR B 46 20.97 5.04 -26.81
C THR B 46 22.10 5.82 -26.14
N GLY B 47 21.77 6.67 -25.17
CA GLY B 47 22.79 7.43 -24.47
C GLY B 47 22.43 7.69 -23.01
N ARG B 48 23.44 7.81 -22.17
CA ARG B 48 23.25 8.10 -20.77
C ARG B 48 24.18 9.23 -20.37
N ALA B 49 23.88 9.89 -19.27
CA ALA B 49 24.70 10.96 -18.75
C ALA B 49 24.64 10.80 -17.26
N LEU B 50 25.79 10.60 -16.62
CA LEU B 50 25.84 10.42 -15.17
C LEU B 50 26.63 11.53 -14.52
N TYR B 51 26.30 11.87 -13.29
CA TYR B 51 27.07 12.87 -12.57
C TYR B 51 28.34 12.12 -12.13
N ALA B 52 29.51 12.64 -12.52
CA ALA B 52 30.81 12.02 -12.22
C ALA B 52 30.99 11.51 -10.80
N LYS B 53 30.76 12.39 -9.83
CA LYS B 53 30.90 12.02 -8.43
C LYS B 53 29.69 11.25 -7.95
N PRO B 54 29.88 10.23 -7.11
CA PRO B 54 28.74 9.46 -6.60
C PRO B 54 28.11 10.18 -5.40
N VAL B 55 26.83 9.93 -5.12
CA VAL B 55 26.16 10.57 -3.99
C VAL B 55 25.76 9.51 -2.99
N GLN B 56 25.73 9.87 -1.72
CA GLN B 56 25.35 8.91 -0.70
C GLN B 56 23.90 9.12 -0.33
N VAL B 57 23.05 8.15 -0.63
CA VAL B 57 21.62 8.26 -0.32
C VAL B 57 21.25 7.74 1.05
N TRP B 58 22.12 6.91 1.63
CA TRP B 58 21.88 6.41 2.98
C TRP B 58 23.16 5.89 3.65
N ASP B 59 23.18 5.98 4.97
CA ASP B 59 24.33 5.57 5.76
C ASP B 59 24.02 4.41 6.68
N SER B 60 24.63 3.27 6.39
CA SER B 60 24.43 2.05 7.18
C SER B 60 24.72 2.24 8.66
N THR B 61 25.66 3.10 9.00
CA THR B 61 26.00 3.37 10.39
C THR B 61 24.85 3.93 11.19
N THR B 62 24.35 5.09 10.76
CA THR B 62 23.24 5.76 11.44
C THR B 62 21.89 5.18 11.04
N GLY B 63 21.83 4.62 9.84
CA GLY B 63 20.59 4.06 9.34
C GLY B 63 19.76 5.09 8.59
N ASN B 64 20.18 6.35 8.67
CA ASN B 64 19.49 7.44 8.00
C ASN B 64 19.55 7.39 6.49
N VAL B 65 18.44 7.75 5.86
CA VAL B 65 18.36 7.80 4.39
C VAL B 65 18.22 9.28 4.06
N ALA B 66 18.72 9.67 2.90
CA ALA B 66 18.71 11.06 2.49
C ALA B 66 17.44 11.54 1.84
N SER B 67 17.25 12.84 1.86
CA SER B 67 16.11 13.47 1.22
C SER B 67 16.78 14.24 0.10
N PHE B 68 16.15 14.30 -1.07
CA PHE B 68 16.73 15.04 -2.15
C PHE B 68 15.68 15.72 -3.01
N GLU B 69 16.13 16.71 -3.77
CA GLU B 69 15.28 17.43 -4.69
C GLU B 69 16.08 17.66 -5.97
N THR B 70 15.47 17.40 -7.12
CA THR B 70 16.16 17.62 -8.36
C THR B 70 15.18 18.27 -9.35
N ARG B 71 15.69 19.23 -10.12
CA ARG B 71 14.88 19.92 -11.11
C ARG B 71 15.62 19.93 -12.43
N PHE B 72 14.90 19.74 -13.53
CA PHE B 72 15.51 19.77 -14.84
C PHE B 72 14.51 20.11 -15.92
N SER B 73 15.01 20.59 -17.04
CA SER B 73 14.15 20.91 -18.17
C SER B 73 14.56 20.03 -19.33
N PHE B 74 13.60 19.52 -20.06
CA PHE B 74 13.93 18.70 -21.19
C PHE B 74 13.05 19.06 -22.34
N SER B 75 13.35 18.50 -23.50
CA SER B 75 12.57 18.76 -24.69
C SER B 75 12.59 17.54 -25.56
N ILE B 76 11.43 17.15 -26.03
CA ILE B 76 11.31 16.00 -26.91
C ILE B 76 10.61 16.47 -28.19
N ARG B 77 11.32 16.43 -29.31
CA ARG B 77 10.76 16.85 -30.58
C ARG B 77 10.47 15.58 -31.36
N GLN B 78 9.25 15.47 -31.86
CA GLN B 78 8.82 14.30 -32.62
C GLN B 78 8.51 14.72 -34.06
N PRO B 79 9.51 14.64 -34.92
CA PRO B 79 9.39 15.01 -36.34
C PRO B 79 8.45 14.09 -37.13
N PHE B 80 8.44 12.81 -36.78
CA PHE B 80 7.63 11.85 -37.50
C PHE B 80 6.45 11.30 -36.70
N PRO B 81 5.28 11.94 -36.83
CA PRO B 81 4.08 11.53 -36.12
C PRO B 81 3.67 10.07 -36.34
N ARG B 82 3.62 9.63 -37.60
CA ARG B 82 3.28 8.23 -37.92
C ARG B 82 4.56 7.50 -38.29
N PRO B 83 4.68 6.22 -37.92
CA PRO B 83 3.74 5.35 -37.21
C PRO B 83 3.74 5.48 -35.68
N HIS B 84 4.84 5.97 -35.10
CA HIS B 84 4.94 6.11 -33.65
C HIS B 84 6.36 6.41 -33.17
N PRO B 85 6.54 7.47 -32.41
CA PRO B 85 7.86 7.84 -31.90
C PRO B 85 8.30 6.85 -30.79
N ALA B 86 9.55 6.93 -30.37
CA ALA B 86 10.07 6.05 -29.31
C ALA B 86 11.46 6.53 -28.89
N ASP B 87 11.92 6.22 -27.69
CA ASP B 87 11.17 5.46 -26.73
C ASP B 87 10.86 6.27 -25.48
N GLY B 88 11.61 7.35 -25.27
CA GLY B 88 11.40 8.18 -24.10
C GLY B 88 12.70 8.36 -23.34
N LEU B 89 12.63 9.01 -22.19
CA LEU B 89 13.82 9.23 -21.38
C LEU B 89 13.51 9.02 -19.91
N VAL B 90 14.53 8.80 -19.10
CA VAL B 90 14.35 8.62 -17.66
C VAL B 90 15.37 9.35 -16.84
N PHE B 91 14.99 9.71 -15.62
CA PHE B 91 15.93 10.30 -14.69
C PHE B 91 16.11 9.09 -13.79
N PHE B 92 17.34 8.73 -13.44
CA PHE B 92 17.51 7.55 -12.62
C PHE B 92 18.60 7.60 -11.58
N ILE B 93 18.51 6.65 -10.64
CA ILE B 93 19.48 6.48 -9.56
C ILE B 93 19.88 5.01 -9.65
N ALA B 94 21.17 4.72 -9.79
CA ALA B 94 21.66 3.35 -9.90
C ALA B 94 22.96 3.21 -9.10
N PRO B 95 23.51 1.99 -8.96
CA PRO B 95 24.75 1.84 -8.22
C PRO B 95 25.89 2.44 -9.03
N PRO B 96 26.93 2.95 -8.33
CA PRO B 96 28.06 3.55 -9.05
C PRO B 96 28.71 2.65 -10.08
N ASN B 97 29.14 3.26 -11.18
CA ASN B 97 29.81 2.55 -12.28
C ASN B 97 29.07 1.36 -12.87
N THR B 98 28.04 1.64 -13.66
CA THR B 98 27.25 0.62 -14.30
C THR B 98 27.34 0.88 -15.79
N GLN B 99 26.96 -0.09 -16.60
CA GLN B 99 27.04 0.07 -18.06
C GLN B 99 25.70 0.27 -18.70
N THR B 100 25.68 0.94 -19.85
CA THR B 100 24.40 1.15 -20.55
C THR B 100 23.71 -0.19 -20.76
N GLY B 101 22.41 -0.23 -20.49
CA GLY B 101 21.67 -1.47 -20.64
C GLY B 101 21.04 -1.56 -22.02
N GLU B 102 20.01 -2.37 -22.12
CA GLU B 102 19.28 -2.59 -23.35
C GLU B 102 18.60 -1.28 -23.80
N GLY B 103 18.49 -1.08 -25.10
CA GLY B 103 17.86 0.12 -25.63
C GLY B 103 16.37 -0.05 -25.79
N GLY B 104 15.79 0.66 -26.75
CA GLY B 104 14.36 0.58 -26.98
C GLY B 104 13.53 0.88 -25.74
N GLY B 105 12.52 0.06 -25.50
CA GLY B 105 11.65 0.24 -24.36
C GLY B 105 12.34 0.09 -23.01
N TYR B 106 13.64 -0.19 -23.01
CA TYR B 106 14.35 -0.32 -21.76
C TYR B 106 15.13 0.94 -21.41
N PHE B 107 15.02 1.94 -22.29
CA PHE B 107 15.67 3.24 -22.07
C PHE B 107 17.18 3.22 -21.85
N GLY B 108 17.79 2.04 -21.85
CA GLY B 108 19.20 1.94 -21.61
C GLY B 108 19.56 1.76 -20.15
N ILE B 109 18.57 1.55 -19.27
CA ILE B 109 18.85 1.35 -17.84
C ILE B 109 18.68 -0.08 -17.37
N TYR B 110 17.93 -0.87 -18.12
CA TYR B 110 17.71 -2.27 -17.76
C TYR B 110 18.54 -3.20 -18.64
N ASN B 111 19.26 -4.10 -17.98
CA ASN B 111 20.10 -5.08 -18.66
C ASN B 111 19.70 -6.48 -18.22
N PRO B 112 18.87 -7.17 -19.01
CA PRO B 112 18.38 -8.52 -18.71
C PRO B 112 19.47 -9.53 -18.35
N LEU B 113 20.61 -9.47 -19.03
CA LEU B 113 21.70 -10.40 -18.75
C LEU B 113 22.69 -9.82 -17.73
N SER B 114 22.19 -9.45 -16.57
CA SER B 114 23.03 -8.83 -15.53
C SER B 114 22.32 -7.61 -14.93
N PRO B 115 21.07 -7.76 -14.46
CA PRO B 115 20.28 -6.68 -13.86
C PRO B 115 20.86 -6.07 -12.59
N TYR B 116 20.94 -4.75 -12.55
CA TYR B 116 21.38 -4.04 -11.35
C TYR B 116 20.19 -3.22 -10.87
N PRO B 117 20.06 -3.05 -9.55
CA PRO B 117 18.94 -2.28 -9.03
C PRO B 117 18.93 -0.81 -9.47
N PHE B 118 17.76 -0.22 -9.47
CA PHE B 118 17.64 1.17 -9.84
C PHE B 118 16.27 1.76 -9.54
N VAL B 119 16.23 3.06 -9.33
CA VAL B 119 14.96 3.77 -9.12
C VAL B 119 14.97 4.78 -10.26
N ALA B 120 13.83 4.95 -10.94
CA ALA B 120 13.80 5.88 -12.05
C ALA B 120 12.44 6.46 -12.31
N VAL B 121 12.42 7.66 -12.87
CA VAL B 121 11.18 8.34 -13.22
C VAL B 121 11.23 8.38 -14.71
N GLU B 122 10.29 7.75 -15.38
CA GLU B 122 10.32 7.72 -16.83
C GLU B 122 9.29 8.61 -17.51
N PHE B 123 9.64 9.04 -18.71
CA PHE B 123 8.79 9.86 -19.57
C PHE B 123 8.74 9.00 -20.82
N ASP B 124 7.79 8.07 -20.80
CA ASP B 124 7.58 7.09 -21.85
C ASP B 124 6.73 7.55 -23.03
N THR B 125 7.27 7.38 -24.23
CA THR B 125 6.59 7.80 -25.44
C THR B 125 6.13 6.66 -26.35
N PHE B 126 6.63 5.46 -26.08
CA PHE B 126 6.24 4.28 -26.89
C PHE B 126 5.53 3.24 -26.03
N ARG B 127 4.47 2.64 -26.57
CA ARG B 127 3.73 1.66 -25.81
C ARG B 127 4.16 0.21 -26.00
N ASN B 128 4.90 -0.32 -25.02
CA ASN B 128 5.34 -1.68 -25.06
C ASN B 128 4.22 -2.58 -24.55
N THR B 129 4.42 -3.89 -24.56
CA THR B 129 3.38 -4.81 -24.12
C THR B 129 2.98 -4.57 -22.66
N TRP B 130 3.90 -4.06 -21.87
CA TRP B 130 3.68 -3.82 -20.45
C TRP B 130 3.25 -2.38 -20.11
N ASP B 131 3.06 -1.57 -21.13
CA ASP B 131 2.71 -0.16 -20.92
C ASP B 131 1.25 0.21 -21.06
N PRO B 132 0.83 1.25 -20.32
CA PRO B 132 -0.53 1.75 -20.37
C PRO B 132 -0.45 2.71 -21.56
N GLN B 133 -1.51 3.42 -21.91
CA GLN B 133 -1.41 4.31 -23.04
C GLN B 133 -0.25 5.30 -22.83
N ILE B 134 0.26 5.85 -23.92
CA ILE B 134 1.35 6.80 -23.85
C ILE B 134 0.98 8.13 -24.50
N PRO B 135 1.75 9.20 -24.22
CA PRO B 135 2.91 9.23 -23.36
C PRO B 135 2.46 9.16 -21.90
N HIS B 136 3.36 8.74 -21.01
CA HIS B 136 3.01 8.72 -19.60
C HIS B 136 4.25 8.86 -18.72
N ILE B 137 4.04 9.36 -17.50
CA ILE B 137 5.11 9.46 -16.53
C ILE B 137 4.95 8.18 -15.74
N GLY B 138 6.05 7.57 -15.35
CA GLY B 138 5.96 6.36 -14.57
C GLY B 138 7.06 6.30 -13.55
N ILE B 139 6.78 5.66 -12.43
CA ILE B 139 7.79 5.50 -11.40
C ILE B 139 8.24 4.05 -11.45
N ASP B 140 9.52 3.82 -11.71
CA ASP B 140 10.06 2.49 -11.82
C ASP B 140 11.04 2.13 -10.74
N VAL B 141 10.90 0.90 -10.23
CA VAL B 141 11.79 0.37 -9.18
C VAL B 141 12.29 -0.99 -9.67
N ASN B 142 13.59 -1.09 -10.00
CA ASN B 142 14.22 -2.32 -10.48
C ASN B 142 13.61 -2.90 -11.74
N SER B 143 12.56 -2.29 -12.24
CA SER B 143 11.90 -2.79 -13.44
C SER B 143 11.42 -1.64 -14.29
N VAL B 144 11.12 -1.91 -15.54
CA VAL B 144 10.64 -0.88 -16.43
C VAL B 144 9.10 -0.99 -16.45
N ILE B 145 8.56 -1.84 -15.57
CA ILE B 145 7.13 -1.98 -15.44
C ILE B 145 6.77 -1.12 -14.24
N SER B 146 6.37 0.12 -14.51
CA SER B 146 6.04 1.13 -13.50
C SER B 146 5.12 0.68 -12.39
N THR B 147 5.37 1.19 -11.18
CA THR B 147 4.56 0.90 -10.03
C THR B 147 3.34 1.80 -10.12
N LYS B 148 3.56 3.05 -10.48
CA LYS B 148 2.49 4.04 -10.61
C LYS B 148 2.67 4.65 -11.98
N THR B 149 1.58 5.12 -12.57
CA THR B 149 1.65 5.71 -13.90
C THR B 149 0.63 6.82 -14.08
N VAL B 150 0.96 7.83 -14.85
CA VAL B 150 0.01 8.89 -15.12
C VAL B 150 0.23 9.33 -16.56
N PRO B 151 -0.86 9.55 -17.31
CA PRO B 151 -0.72 9.97 -18.69
C PRO B 151 -0.55 11.49 -18.82
N PHE B 152 0.17 11.91 -19.86
CA PHE B 152 0.36 13.33 -20.15
C PHE B 152 0.41 13.60 -21.66
N THR B 153 0.04 14.79 -22.07
CA THR B 153 0.09 15.15 -23.48
C THR B 153 1.37 15.97 -23.68
N LEU B 154 2.25 15.47 -24.54
CA LEU B 154 3.51 16.12 -24.81
C LEU B 154 3.36 17.42 -25.56
N ASP B 155 4.33 18.31 -25.41
CA ASP B 155 4.35 19.56 -26.15
C ASP B 155 5.52 19.37 -27.10
N ASN B 156 5.21 18.85 -28.28
CA ASN B 156 6.21 18.58 -29.31
C ASN B 156 7.25 19.68 -29.45
N GLY B 157 8.51 19.33 -29.22
CA GLY B 157 9.58 20.30 -29.33
C GLY B 157 9.54 21.42 -28.31
N GLY B 158 8.50 21.45 -27.51
CA GLY B 158 8.38 22.47 -26.49
C GLY B 158 9.28 22.20 -25.30
N ILE B 159 9.20 23.05 -24.28
CA ILE B 159 10.02 22.87 -23.10
C ILE B 159 9.22 22.31 -21.97
N ALA B 160 9.82 21.41 -21.22
CA ALA B 160 9.15 20.82 -20.08
C ALA B 160 9.98 21.03 -18.82
N ASN B 161 9.32 21.38 -17.72
CA ASN B 161 9.99 21.57 -16.45
C ASN B 161 9.58 20.44 -15.56
N VAL B 162 10.56 19.76 -15.00
CA VAL B 162 10.30 18.64 -14.11
C VAL B 162 10.86 18.91 -12.73
N VAL B 163 10.11 18.51 -11.70
CA VAL B 163 10.58 18.65 -10.33
C VAL B 163 10.38 17.30 -9.67
N ILE B 164 11.47 16.66 -9.25
CA ILE B 164 11.38 15.37 -8.57
C ILE B 164 11.85 15.60 -7.14
N LYS B 165 11.07 15.14 -6.17
CA LYS B 165 11.40 15.37 -4.76
C LYS B 165 11.19 14.11 -3.94
N TYR B 166 12.09 13.86 -2.98
CA TYR B 166 11.98 12.68 -2.15
C TYR B 166 12.14 12.98 -0.67
N ASP B 167 11.13 12.65 0.15
CA ASP B 167 11.21 12.87 1.60
C ASP B 167 11.52 11.57 2.28
N ALA B 168 12.68 11.49 2.94
CA ALA B 168 13.09 10.27 3.58
C ALA B 168 12.17 9.92 4.72
N SER B 169 11.62 10.93 5.37
CA SER B 169 10.74 10.69 6.49
C SER B 169 9.44 9.99 6.12
N THR B 170 8.83 10.37 5.01
CA THR B 170 7.56 9.75 4.61
C THR B 170 7.77 8.71 3.49
N LYS B 171 8.97 8.70 2.92
CA LYS B 171 9.34 7.80 1.83
C LYS B 171 8.50 8.09 0.58
N ILE B 172 8.01 9.32 0.48
CA ILE B 172 7.22 9.70 -0.68
C ILE B 172 8.09 10.31 -1.77
N LEU B 173 7.96 9.78 -2.97
CA LEU B 173 8.69 10.31 -4.11
C LEU B 173 7.63 10.99 -4.99
N HIS B 174 7.62 12.31 -5.05
CA HIS B 174 6.67 12.97 -5.89
C HIS B 174 7.32 13.67 -7.04
N VAL B 175 6.72 13.55 -8.21
CA VAL B 175 7.25 14.18 -9.39
C VAL B 175 6.20 15.09 -10.03
N VAL B 176 6.65 16.22 -10.58
CA VAL B 176 5.79 17.19 -11.22
C VAL B 176 6.32 17.50 -12.60
N LEU B 177 5.44 17.50 -13.58
CA LEU B 177 5.80 17.79 -14.95
C LEU B 177 4.98 19.00 -15.38
N VAL B 178 5.65 20.07 -15.85
CA VAL B 178 4.95 21.26 -16.28
C VAL B 178 5.40 21.70 -17.66
N PHE B 179 4.44 21.96 -18.55
CA PHE B 179 4.74 22.42 -19.89
C PHE B 179 4.33 23.89 -19.89
N PRO B 180 5.26 24.80 -19.56
CA PRO B 180 5.00 26.24 -19.50
C PRO B 180 4.26 26.86 -20.67
N SER B 181 4.56 26.46 -21.89
CA SER B 181 3.86 27.00 -23.05
C SER B 181 2.38 26.63 -23.12
N LEU B 182 2.01 25.47 -22.60
CA LEU B 182 0.63 25.02 -22.61
C LEU B 182 -0.04 25.30 -21.27
N GLY B 183 0.77 25.52 -20.25
CA GLY B 183 0.24 25.78 -18.94
C GLY B 183 -0.34 24.56 -18.27
N THR B 184 0.02 23.38 -18.77
CA THR B 184 -0.48 22.12 -18.21
C THR B 184 0.41 21.60 -17.08
N ILE B 185 -0.21 20.93 -16.10
CA ILE B 185 0.51 20.41 -14.96
C ILE B 185 0.14 18.96 -14.72
N TYR B 186 1.13 18.09 -14.63
CA TYR B 186 0.90 16.68 -14.36
C TYR B 186 1.63 16.32 -13.10
N THR B 187 0.97 15.58 -12.21
CA THR B 187 1.58 15.20 -10.95
C THR B 187 1.41 13.71 -10.65
N ILE B 188 2.42 13.12 -10.03
CA ILE B 188 2.40 11.70 -9.68
C ILE B 188 3.31 11.47 -8.48
N ALA B 189 2.93 10.52 -7.62
CA ALA B 189 3.71 10.25 -6.44
C ALA B 189 3.54 8.79 -5.99
N ASP B 190 4.54 8.26 -5.31
CA ASP B 190 4.46 6.91 -4.79
C ASP B 190 5.45 6.75 -3.66
N ILE B 191 5.31 5.65 -2.93
CA ILE B 191 6.19 5.37 -1.81
C ILE B 191 7.31 4.45 -2.27
N VAL B 192 8.54 4.84 -1.97
CA VAL B 192 9.70 4.07 -2.37
C VAL B 192 10.67 4.11 -1.22
N ASP B 193 11.19 2.95 -0.84
CA ASP B 193 12.16 2.89 0.24
C ASP B 193 13.53 2.70 -0.40
N LEU B 194 14.27 3.79 -0.58
CA LEU B 194 15.59 3.72 -1.21
C LEU B 194 16.51 2.74 -0.50
N LYS B 195 16.50 2.84 0.82
CA LYS B 195 17.33 2.01 1.69
C LYS B 195 17.16 0.54 1.38
N GLN B 196 15.96 0.18 0.95
CA GLN B 196 15.64 -1.21 0.66
C GLN B 196 15.97 -1.69 -0.72
N VAL B 197 16.26 -0.77 -1.66
CA VAL B 197 16.54 -1.17 -3.05
C VAL B 197 17.91 -0.81 -3.57
N LEU B 198 18.50 0.26 -3.02
CA LEU B 198 19.80 0.74 -3.48
C LEU B 198 20.94 0.70 -2.44
N PRO B 199 22.18 0.69 -2.93
CA PRO B 199 23.35 0.66 -2.06
C PRO B 199 23.54 2.04 -1.46
N GLU B 200 24.43 2.16 -0.47
CA GLU B 200 24.65 3.46 0.19
C GLU B 200 25.08 4.59 -0.74
N SER B 201 25.89 4.27 -1.75
CA SER B 201 26.34 5.25 -2.71
C SER B 201 25.80 4.91 -4.07
N VAL B 202 25.34 5.93 -4.79
CA VAL B 202 24.77 5.73 -6.11
C VAL B 202 25.20 6.82 -7.07
N ASN B 203 24.75 6.68 -8.32
CA ASN B 203 25.02 7.64 -9.37
C ASN B 203 23.66 8.14 -9.79
N VAL B 204 23.58 9.39 -10.21
CA VAL B 204 22.32 9.95 -10.62
C VAL B 204 22.53 10.48 -12.01
N GLY B 205 21.53 10.32 -12.89
CA GLY B 205 21.66 10.81 -14.24
C GLY B 205 20.46 10.58 -15.12
N PHE B 206 20.65 10.75 -16.42
CA PHE B 206 19.59 10.55 -17.37
C PHE B 206 19.99 9.47 -18.37
N SER B 207 18.98 8.90 -19.03
CA SER B 207 19.18 7.88 -20.02
C SER B 207 18.01 7.97 -20.97
N ALA B 208 18.24 7.69 -22.24
CA ALA B 208 17.16 7.77 -23.22
C ALA B 208 17.44 6.81 -24.35
N ALA B 209 16.43 6.52 -25.17
CA ALA B 209 16.62 5.62 -26.29
C ALA B 209 15.60 5.82 -27.40
N THR B 210 16.04 5.63 -28.64
CA THR B 210 15.14 5.76 -29.78
C THR B 210 14.76 4.36 -30.27
N GLY B 211 13.85 4.29 -31.25
CA GLY B 211 13.37 3.03 -31.81
C GLY B 211 14.40 1.94 -32.04
N ASP B 212 14.06 0.72 -31.65
CA ASP B 212 14.94 -0.43 -31.81
C ASP B 212 14.82 -0.95 -33.23
N PRO B 213 15.93 -1.36 -33.83
CA PRO B 213 15.95 -1.89 -35.20
C PRO B 213 14.97 -3.05 -35.43
N SER B 214 14.84 -3.94 -34.45
CA SER B 214 13.96 -5.08 -34.59
C SER B 214 12.54 -4.66 -34.91
N GLY B 215 12.20 -3.43 -34.56
CA GLY B 215 10.87 -2.94 -34.86
C GLY B 215 10.73 -2.61 -36.33
N LYS B 216 11.87 -2.54 -37.00
CA LYS B 216 11.93 -2.26 -38.42
C LYS B 216 11.17 -1.02 -38.81
N GLN B 217 11.45 0.08 -38.12
CA GLN B 217 10.79 1.36 -38.37
C GLN B 217 11.73 2.52 -38.02
N ARG B 218 12.37 3.08 -39.05
CA ARG B 218 13.29 4.17 -38.83
C ARG B 218 12.63 5.44 -38.32
N ASN B 219 11.33 5.56 -38.57
CA ASN B 219 10.56 6.71 -38.13
C ASN B 219 10.29 6.63 -36.62
N ALA B 220 10.64 5.50 -36.01
CA ALA B 220 10.45 5.31 -34.59
C ALA B 220 11.57 6.02 -33.86
N THR B 221 11.50 7.33 -33.82
CA THR B 221 12.54 8.08 -33.17
C THR B 221 12.07 9.49 -32.76
N GLU B 222 12.93 10.20 -32.03
CA GLU B 222 12.64 11.55 -31.54
C GLU B 222 13.92 12.05 -30.84
N THR B 223 13.90 13.29 -30.37
CA THR B 223 15.05 13.80 -29.67
C THR B 223 14.82 13.68 -28.18
N HIS B 224 15.90 13.68 -27.41
CA HIS B 224 15.81 13.59 -25.96
C HIS B 224 16.85 14.54 -25.38
N ASP B 225 16.56 15.83 -25.43
CA ASP B 225 17.49 16.83 -24.95
C ASP B 225 17.22 17.32 -23.54
N ILE B 226 18.28 17.48 -22.75
CA ILE B 226 18.19 18.00 -21.38
C ILE B 226 18.75 19.44 -21.41
N LEU B 227 17.96 20.42 -21.02
CA LEU B 227 18.41 21.80 -21.08
C LEU B 227 19.17 22.33 -19.86
N SER B 228 18.87 21.83 -18.68
CA SER B 228 19.56 22.30 -17.50
C SER B 228 19.25 21.32 -16.37
N TRP B 229 20.04 21.33 -15.30
CA TRP B 229 19.77 20.37 -14.28
C TRP B 229 20.37 20.75 -12.96
N SER B 230 19.63 20.55 -11.87
CA SER B 230 20.14 20.83 -10.54
C SER B 230 19.71 19.67 -9.66
N PHE B 231 20.59 19.30 -8.75
CA PHE B 231 20.32 18.20 -7.85
C PHE B 231 20.75 18.70 -6.51
N SER B 232 20.13 18.14 -5.47
CA SER B 232 20.42 18.50 -4.10
C SER B 232 19.99 17.37 -3.19
N ALA B 233 20.88 16.97 -2.29
CA ALA B 233 20.61 15.88 -1.35
C ALA B 233 21.15 16.24 0.02
N SER B 234 20.43 15.85 1.08
CA SER B 234 20.83 16.12 2.47
C SER B 234 20.74 14.89 3.37
N LEU B 235 21.89 14.30 3.68
CA LEU B 235 21.93 13.14 4.56
C LEU B 235 22.31 13.64 5.94
N PRO B 236 21.42 13.48 6.94
CA PRO B 236 21.71 13.94 8.30
C PRO B 236 22.76 13.10 9.07
N GLY B 237 23.13 11.96 8.50
CA GLY B 237 24.14 11.11 9.12
C GLY B 237 25.54 11.35 8.56
N LYS C 1 -13.57 -8.44 -14.43
CA LYS C 1 -13.18 -9.88 -14.51
C LYS C 1 -13.18 -10.56 -13.14
N THR C 2 -13.75 -11.75 -13.10
CA THR C 2 -13.82 -12.54 -11.89
C THR C 2 -14.07 -13.97 -12.28
N ILE C 3 -13.00 -14.74 -12.27
CA ILE C 3 -13.05 -16.15 -12.59
C ILE C 3 -13.07 -16.94 -11.28
N SER C 4 -13.63 -18.15 -11.33
CA SER C 4 -13.68 -18.99 -10.15
C SER C 4 -14.29 -20.36 -10.50
N PHE C 5 -13.57 -21.41 -10.12
CA PHE C 5 -14.02 -22.75 -10.38
C PHE C 5 -13.99 -23.51 -9.08
N ASN C 6 -14.69 -24.65 -9.03
CA ASN C 6 -14.73 -25.46 -7.83
C ASN C 6 -14.70 -26.95 -8.17
N PHE C 7 -13.94 -27.73 -7.41
CA PHE C 7 -13.83 -29.17 -7.62
C PHE C 7 -13.96 -29.83 -6.28
N ASN C 8 -15.08 -30.53 -6.05
CA ASN C 8 -15.30 -31.23 -4.79
C ASN C 8 -14.57 -32.56 -4.89
N GLN C 9 -14.51 -33.09 -6.10
CA GLN C 9 -13.80 -34.31 -6.41
C GLN C 9 -13.58 -34.28 -7.92
N PHE C 10 -12.65 -35.09 -8.41
CA PHE C 10 -12.39 -35.08 -9.84
C PHE C 10 -13.00 -36.29 -10.53
N HIS C 11 -13.30 -36.12 -11.83
CA HIS C 11 -13.90 -37.19 -12.63
C HIS C 11 -12.92 -37.71 -13.66
N GLN C 12 -13.09 -38.97 -14.06
CA GLN C 12 -12.22 -39.58 -15.05
C GLN C 12 -12.21 -38.65 -16.27
N ASN C 13 -11.13 -37.89 -16.42
CA ASN C 13 -11.02 -36.96 -17.53
C ASN C 13 -12.01 -35.80 -17.39
N GLU C 14 -11.49 -34.62 -17.07
CA GLU C 14 -12.34 -33.43 -16.94
C GLU C 14 -12.07 -32.54 -18.15
N GLU C 15 -13.09 -31.83 -18.63
CA GLU C 15 -12.92 -30.94 -19.77
C GLU C 15 -12.31 -29.61 -19.29
N GLN C 16 -11.89 -29.61 -18.02
CA GLN C 16 -11.30 -28.41 -17.43
C GLN C 16 -9.89 -28.67 -16.92
N LEU C 17 -9.58 -29.91 -16.57
CA LEU C 17 -8.24 -30.19 -16.10
C LEU C 17 -7.29 -30.51 -17.23
N LYS C 18 -6.03 -30.22 -17.02
CA LYS C 18 -5.03 -30.51 -18.02
C LYS C 18 -4.02 -31.38 -17.30
N LEU C 19 -4.07 -32.68 -17.52
CA LEU C 19 -3.13 -33.57 -16.87
C LEU C 19 -1.85 -33.73 -17.69
N GLN C 20 -0.71 -33.72 -17.03
CA GLN C 20 0.56 -33.86 -17.72
C GLN C 20 1.44 -34.92 -17.07
N ARG C 21 2.18 -35.66 -17.90
CA ARG C 21 3.04 -36.73 -17.45
C ARG C 21 2.26 -37.75 -16.59
N ASP C 22 2.88 -38.22 -15.51
CA ASP C 22 2.27 -39.22 -14.63
C ASP C 22 0.95 -38.87 -13.97
N ALA C 23 0.58 -37.60 -13.96
CA ALA C 23 -0.67 -37.19 -13.33
C ALA C 23 -1.87 -37.90 -13.93
N ARG C 24 -2.72 -38.44 -13.07
CA ARG C 24 -3.92 -39.14 -13.51
C ARG C 24 -4.98 -39.12 -12.41
N ILE C 25 -6.25 -39.27 -12.79
CA ILE C 25 -7.34 -39.30 -11.83
C ILE C 25 -7.77 -40.73 -11.49
N SER C 26 -7.71 -41.09 -10.21
CA SER C 26 -8.08 -42.44 -9.79
C SER C 26 -9.57 -42.68 -9.92
N SER C 27 -9.96 -43.95 -9.90
CA SER C 27 -11.37 -44.32 -10.03
C SER C 27 -12.24 -43.76 -8.91
N ASN C 28 -11.75 -43.81 -7.68
CA ASN C 28 -12.54 -43.29 -6.57
C ASN C 28 -12.46 -41.76 -6.46
N SER C 29 -12.12 -41.12 -7.58
CA SER C 29 -12.06 -39.66 -7.70
C SER C 29 -10.94 -38.78 -7.14
N VAL C 30 -9.81 -39.33 -6.72
CA VAL C 30 -8.77 -38.46 -6.23
C VAL C 30 -7.77 -38.16 -7.36
N LEU C 31 -7.13 -36.98 -7.33
CA LEU C 31 -6.15 -36.61 -8.34
C LEU C 31 -4.78 -37.02 -7.84
N GLU C 32 -4.19 -38.01 -8.48
CA GLU C 32 -2.87 -38.49 -8.08
C GLU C 32 -1.82 -37.87 -9.01
N LEU C 33 -1.05 -36.94 -8.47
CA LEU C 33 -0.05 -36.23 -9.23
C LEU C 33 1.11 -37.15 -9.62
N THR C 34 1.54 -37.99 -8.68
CA THR C 34 2.62 -38.90 -8.99
C THR C 34 2.10 -40.33 -9.12
N LYS C 35 2.86 -41.16 -9.82
CA LYS C 35 2.51 -42.54 -10.04
C LYS C 35 2.48 -43.39 -8.77
N VAL C 36 1.44 -44.22 -8.67
CA VAL C 36 1.28 -45.15 -7.57
C VAL C 36 0.63 -46.40 -8.18
N VAL C 37 1.43 -47.44 -8.35
CA VAL C 37 0.94 -48.66 -8.96
C VAL C 37 0.65 -49.75 -7.93
N ASN C 38 -0.49 -50.42 -8.10
CA ASN C 38 -0.87 -51.48 -7.17
C ASN C 38 -0.73 -51.02 -5.71
N GLY C 39 -1.25 -49.84 -5.44
CA GLY C 39 -1.24 -49.31 -4.10
C GLY C 39 0.10 -48.83 -3.57
N VAL C 40 1.14 -48.90 -4.38
CA VAL C 40 2.45 -48.45 -3.94
C VAL C 40 3.02 -47.31 -4.78
N PRO C 41 3.53 -46.24 -4.12
CA PRO C 41 4.11 -45.09 -4.81
C PRO C 41 5.45 -45.44 -5.43
N THR C 42 5.66 -45.01 -6.67
CA THR C 42 6.88 -45.27 -7.41
C THR C 42 7.86 -44.11 -7.38
N TRP C 43 9.14 -44.39 -7.58
CA TRP C 43 10.16 -43.36 -7.62
C TRP C 43 10.25 -42.88 -9.06
N ASN C 44 11.06 -41.89 -9.32
CA ASN C 44 11.22 -41.41 -10.70
C ASN C 44 9.89 -41.02 -11.35
N SER C 45 9.01 -40.39 -10.60
CA SER C 45 7.73 -39.96 -11.13
C SER C 45 7.57 -38.43 -11.09
N THR C 46 6.82 -37.90 -12.04
CA THR C 46 6.56 -36.47 -12.10
C THR C 46 5.24 -36.18 -12.81
N GLY C 47 4.38 -35.39 -12.19
CA GLY C 47 3.10 -35.08 -12.81
C GLY C 47 2.59 -33.70 -12.44
N ARG C 48 1.84 -33.09 -13.35
CA ARG C 48 1.27 -31.76 -13.12
C ARG C 48 -0.17 -31.82 -13.53
N ALA C 49 -0.96 -30.86 -13.04
CA ALA C 49 -2.39 -30.73 -13.35
C ALA C 49 -2.63 -29.24 -13.43
N LEU C 50 -3.07 -28.77 -14.59
CA LEU C 50 -3.34 -27.35 -14.80
C LEU C 50 -4.80 -27.13 -15.09
N TYR C 51 -5.31 -25.97 -14.69
CA TYR C 51 -6.70 -25.64 -14.99
C TYR C 51 -6.67 -25.25 -16.47
N ALA C 52 -7.47 -25.94 -17.28
CA ALA C 52 -7.52 -25.71 -18.73
C ALA C 52 -7.52 -24.25 -19.20
N LYS C 53 -8.42 -23.44 -18.70
CA LYS C 53 -8.48 -22.05 -19.13
C LYS C 53 -7.41 -21.20 -18.40
N PRO C 54 -6.86 -20.15 -19.08
CA PRO C 54 -5.85 -19.31 -18.41
C PRO C 54 -6.55 -18.21 -17.62
N VAL C 55 -5.90 -17.71 -16.58
CA VAL C 55 -6.47 -16.64 -15.77
C VAL C 55 -5.64 -15.38 -15.93
N GLN C 56 -6.28 -14.22 -15.85
CA GLN C 56 -5.59 -12.95 -15.97
C GLN C 56 -5.29 -12.40 -14.58
N VAL C 57 -4.01 -12.36 -14.20
CA VAL C 57 -3.64 -11.85 -12.89
C VAL C 57 -3.40 -10.35 -12.86
N TRP C 58 -3.16 -9.74 -14.02
CA TRP C 58 -2.99 -8.30 -14.08
C TRP C 58 -3.23 -7.76 -15.48
N ASP C 59 -3.65 -6.50 -15.55
CA ASP C 59 -3.97 -5.84 -16.82
C ASP C 59 -3.06 -4.66 -17.11
N SER C 60 -2.24 -4.80 -18.15
CA SER C 60 -1.30 -3.75 -18.53
C SER C 60 -1.96 -2.38 -18.78
N THR C 61 -3.19 -2.41 -19.28
CA THR C 61 -3.92 -1.19 -19.56
C THR C 61 -4.18 -0.35 -18.32
N THR C 62 -4.86 -0.91 -17.35
CA THR C 62 -5.19 -0.22 -16.11
C THR C 62 -4.05 -0.28 -15.10
N GLY C 63 -3.21 -1.30 -15.22
CA GLY C 63 -2.10 -1.47 -14.30
C GLY C 63 -2.46 -2.26 -13.07
N ASN C 64 -3.76 -2.55 -12.93
CA ASN C 64 -4.27 -3.31 -11.79
C ASN C 64 -3.83 -4.77 -11.78
N VAL C 65 -3.54 -5.28 -10.59
CA VAL C 65 -3.15 -6.67 -10.43
C VAL C 65 -4.30 -7.30 -9.67
N ALA C 66 -4.56 -8.59 -9.89
CA ALA C 66 -5.67 -9.27 -9.24
C ALA C 66 -5.41 -9.79 -7.85
N SER C 67 -6.48 -10.00 -7.13
CA SER C 67 -6.42 -10.59 -5.79
C SER C 67 -7.06 -11.95 -5.99
N PHE C 68 -6.56 -12.97 -5.31
CA PHE C 68 -7.16 -14.28 -5.48
C PHE C 68 -7.09 -15.08 -4.21
N GLU C 69 -7.94 -16.10 -4.13
CA GLU C 69 -7.99 -17.00 -2.99
C GLU C 69 -8.20 -18.40 -3.53
N THR C 70 -7.41 -19.34 -3.02
CA THR C 70 -7.56 -20.71 -3.47
C THR C 70 -7.48 -21.63 -2.25
N ARG C 71 -8.30 -22.68 -2.27
CA ARG C 71 -8.34 -23.65 -1.17
C ARG C 71 -8.31 -25.03 -1.76
N PHE C 72 -7.55 -25.92 -1.13
CA PHE C 72 -7.49 -27.30 -1.60
C PHE C 72 -7.11 -28.24 -0.49
N SER C 73 -7.42 -29.52 -0.68
CA SER C 73 -7.06 -30.52 0.30
C SER C 73 -6.16 -31.53 -0.39
N PHE C 74 -5.14 -31.97 0.31
CA PHE C 74 -4.23 -32.93 -0.29
C PHE C 74 -3.90 -33.97 0.75
N SER C 75 -3.24 -35.02 0.30
CA SER C 75 -2.83 -36.07 1.20
C SER C 75 -1.54 -36.66 0.72
N ILE C 76 -0.61 -36.83 1.64
CA ILE C 76 0.69 -37.40 1.32
C ILE C 76 0.90 -38.61 2.21
N ARG C 77 0.93 -39.81 1.60
CA ARG C 77 1.14 -41.02 2.37
C ARG C 77 2.57 -41.48 2.13
N GLN C 78 3.31 -41.69 3.22
CA GLN C 78 4.70 -42.12 3.16
C GLN C 78 4.86 -43.56 3.69
N PRO C 79 4.74 -44.55 2.80
CA PRO C 79 4.84 -45.96 3.15
C PRO C 79 6.21 -46.37 3.63
N PHE C 80 7.25 -45.75 3.09
CA PHE C 80 8.61 -46.10 3.45
C PHE C 80 9.35 -45.03 4.24
N PRO C 81 9.28 -45.10 5.57
CA PRO C 81 9.93 -44.13 6.44
C PRO C 81 11.42 -43.94 6.15
N ARG C 82 12.15 -45.04 5.91
CA ARG C 82 13.58 -44.93 5.60
C ARG C 82 13.86 -45.36 4.16
N PRO C 83 14.92 -44.82 3.53
CA PRO C 83 15.85 -43.85 4.12
C PRO C 83 15.30 -42.44 4.20
N HIS C 84 14.40 -42.10 3.29
CA HIS C 84 13.87 -40.75 3.25
C HIS C 84 12.86 -40.59 2.11
N PRO C 85 11.64 -40.11 2.44
CA PRO C 85 10.55 -39.88 1.49
C PRO C 85 10.90 -38.71 0.58
N ALA C 86 10.24 -38.60 -0.58
CA ALA C 86 10.51 -37.50 -1.51
C ALA C 86 9.50 -37.51 -2.64
N ASP C 87 9.30 -36.38 -3.32
CA ASP C 87 9.97 -35.12 -3.01
C ASP C 87 9.00 -34.09 -2.41
N GLY C 88 7.77 -34.04 -2.92
CA GLY C 88 6.79 -33.11 -2.40
C GLY C 88 5.89 -32.62 -3.50
N LEU C 89 4.97 -31.73 -3.18
CA LEU C 89 4.05 -31.17 -4.17
C LEU C 89 4.03 -29.66 -4.00
N VAL C 90 3.64 -28.95 -5.05
CA VAL C 90 3.58 -27.48 -4.98
C VAL C 90 2.34 -26.96 -5.70
N PHE C 91 1.98 -25.73 -5.38
CA PHE C 91 0.86 -25.05 -6.01
C PHE C 91 1.58 -23.93 -6.75
N PHE C 92 1.37 -23.80 -8.05
CA PHE C 92 2.05 -22.76 -8.79
C PHE C 92 1.23 -22.00 -9.80
N ILE C 93 1.79 -20.87 -10.19
CA ILE C 93 1.21 -20.00 -11.19
C ILE C 93 2.40 -19.80 -12.13
N ALA C 94 2.22 -20.17 -13.38
CA ALA C 94 3.30 -20.03 -14.34
C ALA C 94 2.73 -19.51 -15.64
N PRO C 95 3.60 -19.10 -16.57
CA PRO C 95 3.04 -18.61 -17.84
C PRO C 95 2.24 -19.76 -18.48
N PRO C 96 1.34 -19.43 -19.41
CA PRO C 96 0.57 -20.51 -20.02
C PRO C 96 1.38 -21.25 -21.09
N ASN C 97 1.05 -22.53 -21.27
CA ASN C 97 1.70 -23.41 -22.26
C ASN C 97 3.12 -23.81 -21.91
N THR C 98 3.37 -24.12 -20.65
CA THR C 98 4.70 -24.53 -20.26
C THR C 98 4.66 -26.04 -20.24
N GLN C 99 5.83 -26.66 -20.22
CA GLN C 99 5.92 -28.10 -20.18
C GLN C 99 6.50 -28.50 -18.84
N THR C 100 6.24 -29.72 -18.40
CA THR C 100 6.77 -30.20 -17.13
C THR C 100 8.28 -30.01 -17.08
N GLY C 101 8.76 -29.52 -15.96
CA GLY C 101 10.19 -29.31 -15.81
C GLY C 101 10.86 -30.49 -15.18
N GLU C 102 12.03 -30.24 -14.61
CA GLU C 102 12.83 -31.28 -13.95
C GLU C 102 12.07 -31.88 -12.74
N GLY C 103 12.29 -33.16 -12.47
CA GLY C 103 11.60 -33.79 -11.37
C GLY C 103 12.38 -33.66 -10.09
N GLY C 104 12.24 -34.62 -9.18
CA GLY C 104 12.96 -34.59 -7.93
C GLY C 104 12.72 -33.32 -7.14
N GLY C 105 13.80 -32.76 -6.58
CA GLY C 105 13.71 -31.54 -5.80
C GLY C 105 13.21 -30.33 -6.57
N TYR C 106 12.92 -30.49 -7.87
CA TYR C 106 12.42 -29.38 -8.64
C TYR C 106 10.91 -29.44 -8.82
N PHE C 107 10.30 -30.46 -8.23
CA PHE C 107 8.85 -30.64 -8.27
C PHE C 107 8.20 -30.64 -9.66
N GLY C 108 9.01 -30.54 -10.70
CA GLY C 108 8.44 -30.52 -12.04
C GLY C 108 8.08 -29.13 -12.54
N ILE C 109 8.44 -28.08 -11.80
CA ILE C 109 8.13 -26.71 -12.23
C ILE C 109 9.34 -25.93 -12.72
N TYR C 110 10.53 -26.37 -12.32
CA TYR C 110 11.76 -25.72 -12.75
C TYR C 110 12.47 -26.50 -13.86
N ASN C 111 12.79 -25.81 -14.94
CA ASN C 111 13.49 -26.40 -16.09
C ASN C 111 14.77 -25.62 -16.37
N PRO C 112 15.90 -26.10 -15.86
CA PRO C 112 17.21 -25.47 -16.04
C PRO C 112 17.57 -25.06 -17.46
N LEU C 113 17.26 -25.91 -18.43
CA LEU C 113 17.60 -25.59 -19.82
C LEU C 113 16.71 -24.53 -20.50
N SER C 114 15.65 -24.09 -19.83
CA SER C 114 14.74 -23.09 -20.38
C SER C 114 13.84 -22.57 -19.27
N PRO C 115 14.43 -21.94 -18.24
CA PRO C 115 13.64 -21.43 -17.11
C PRO C 115 12.54 -20.45 -17.47
N TYR C 116 11.33 -20.70 -16.95
CA TYR C 116 10.20 -19.80 -17.15
C TYR C 116 9.84 -19.32 -15.76
N PRO C 117 9.39 -18.05 -15.65
CA PRO C 117 9.02 -17.52 -14.34
C PRO C 117 7.86 -18.25 -13.69
N PHE C 118 7.78 -18.18 -12.37
CA PHE C 118 6.69 -18.82 -11.66
C PHE C 118 6.65 -18.43 -10.19
N VAL C 119 5.46 -18.51 -9.59
CA VAL C 119 5.29 -18.25 -8.17
C VAL C 119 4.71 -19.57 -7.71
N ALA C 120 5.18 -20.08 -6.57
CA ALA C 120 4.68 -21.35 -6.07
C ALA C 120 4.78 -21.48 -4.58
N VAL C 121 3.86 -22.24 -4.02
CA VAL C 121 3.85 -22.51 -2.58
C VAL C 121 4.17 -24.00 -2.55
N GLU C 122 5.26 -24.35 -1.87
CA GLU C 122 5.69 -25.74 -1.82
C GLU C 122 5.52 -26.41 -0.48
N PHE C 123 5.28 -27.72 -0.54
CA PHE C 123 5.14 -28.57 0.63
C PHE C 123 6.23 -29.60 0.38
N ASP C 124 7.41 -29.23 0.88
CA ASP C 124 8.64 -29.98 0.70
C ASP C 124 8.88 -31.06 1.73
N THR C 125 9.13 -32.27 1.26
CA THR C 125 9.35 -33.41 2.13
C THR C 125 10.79 -33.95 2.13
N PHE C 126 11.60 -33.53 1.17
CA PHE C 126 12.99 -33.98 1.07
C PHE C 126 13.94 -32.80 1.19
N ARG C 127 15.03 -33.00 1.94
CA ARG C 127 15.98 -31.92 2.14
C ARG C 127 17.14 -31.88 1.15
N ASN C 128 17.06 -30.96 0.20
CA ASN C 128 18.12 -30.80 -0.78
C ASN C 128 19.21 -29.92 -0.17
N THR C 129 20.27 -29.66 -0.92
CA THR C 129 21.37 -28.88 -0.39
C THR C 129 20.94 -27.46 -0.01
N TRP C 130 19.91 -26.97 -0.70
CA TRP C 130 19.40 -25.62 -0.48
C TRP C 130 18.21 -25.52 0.49
N ASP C 131 17.81 -26.64 1.07
CA ASP C 131 16.67 -26.68 1.98
C ASP C 131 16.95 -26.66 3.47
N PRO C 132 16.01 -26.09 4.22
CA PRO C 132 16.13 -26.03 5.68
C PRO C 132 15.57 -27.39 6.08
N GLN C 133 15.44 -27.68 7.36
CA GLN C 133 14.92 -28.98 7.73
C GLN C 133 13.54 -29.18 7.10
N ILE C 134 13.15 -30.44 6.92
CA ILE C 134 11.86 -30.77 6.33
C ILE C 134 11.03 -31.63 7.28
N PRO C 135 9.71 -31.74 7.03
CA PRO C 135 9.00 -31.09 5.93
C PRO C 135 8.83 -29.58 6.23
N HIS C 136 8.60 -28.78 5.18
CA HIS C 136 8.40 -27.37 5.38
C HIS C 136 7.57 -26.77 4.27
N ILE C 137 6.88 -25.68 4.59
CA ILE C 137 6.10 -24.95 3.60
C ILE C 137 7.09 -23.88 3.15
N GLY C 138 7.10 -23.56 1.86
CA GLY C 138 7.99 -22.53 1.39
C GLY C 138 7.34 -21.71 0.31
N ILE C 139 7.71 -20.44 0.22
CA ILE C 139 7.17 -19.58 -0.83
C ILE C 139 8.28 -19.38 -1.83
N ASP C 140 8.04 -19.82 -3.07
CA ASP C 140 9.04 -19.74 -4.13
C ASP C 140 8.69 -18.77 -5.25
N VAL C 141 9.70 -18.01 -5.67
CA VAL C 141 9.53 -17.06 -6.76
C VAL C 141 10.64 -17.32 -7.76
N ASN C 142 10.29 -17.80 -8.94
CA ASN C 142 11.28 -18.11 -9.99
C ASN C 142 12.37 -19.10 -9.62
N SER C 143 12.40 -19.51 -8.36
CA SER C 143 13.40 -20.45 -7.93
C SER C 143 12.79 -21.42 -6.93
N VAL C 144 13.47 -22.52 -6.69
CA VAL C 144 13.00 -23.53 -5.76
C VAL C 144 13.69 -23.27 -4.42
N ILE C 145 14.44 -22.17 -4.35
CA ILE C 145 15.11 -21.76 -3.11
C ILE C 145 14.17 -20.73 -2.49
N SER C 146 13.29 -21.22 -1.61
CA SER C 146 12.27 -20.40 -0.95
C SER C 146 12.73 -19.05 -0.40
N THR C 147 11.85 -18.06 -0.46
CA THR C 147 12.13 -16.75 0.06
C THR C 147 11.85 -16.80 1.56
N LYS C 148 10.74 -17.45 1.91
CA LYS C 148 10.32 -17.62 3.30
C LYS C 148 10.08 -19.11 3.48
N THR C 149 10.26 -19.59 4.70
CA THR C 149 10.08 -21.01 4.98
C THR C 149 9.57 -21.26 6.38
N VAL C 150 8.71 -22.25 6.55
CA VAL C 150 8.22 -22.59 7.88
C VAL C 150 8.11 -24.12 7.95
N PRO C 151 8.56 -24.71 9.07
CA PRO C 151 8.50 -26.16 9.22
C PRO C 151 7.16 -26.65 9.73
N PHE C 152 6.79 -27.86 9.34
CA PHE C 152 5.53 -28.44 9.79
C PHE C 152 5.69 -29.94 9.91
N THR C 153 4.89 -30.55 10.78
CA THR C 153 4.91 -31.99 10.99
C THR C 153 3.76 -32.59 10.19
N LEU C 154 4.09 -33.44 9.24
CA LEU C 154 3.08 -34.06 8.38
C LEU C 154 2.18 -35.07 9.11
N ASP C 155 0.97 -35.26 8.59
CA ASP C 155 0.08 -36.23 9.16
C ASP C 155 0.04 -37.31 8.10
N ASN C 156 0.92 -38.29 8.25
CA ASN C 156 1.04 -39.39 7.28
C ASN C 156 -0.29 -39.94 6.80
N GLY C 157 -0.54 -39.84 5.51
CA GLY C 157 -1.76 -40.34 4.94
C GLY C 157 -3.01 -39.59 5.39
N GLY C 158 -2.85 -38.65 6.31
CA GLY C 158 -3.97 -37.88 6.80
C GLY C 158 -4.40 -36.83 5.79
N ILE C 159 -5.42 -36.04 6.14
CA ILE C 159 -5.90 -35.00 5.23
C ILE C 159 -5.39 -33.63 5.66
N ALA C 160 -5.01 -32.81 4.68
CA ALA C 160 -4.53 -31.47 4.96
C ALA C 160 -5.39 -30.45 4.23
N ASN C 161 -5.71 -29.37 4.92
CA ASN C 161 -6.49 -28.29 4.34
C ASN C 161 -5.56 -27.12 4.17
N VAL C 162 -5.50 -26.58 2.96
CA VAL C 162 -4.64 -25.46 2.65
C VAL C 162 -5.49 -24.29 2.16
N VAL C 163 -5.11 -23.10 2.60
CA VAL C 163 -5.78 -21.87 2.15
C VAL C 163 -4.67 -20.91 1.72
N ILE C 164 -4.65 -20.54 0.45
CA ILE C 164 -3.66 -19.61 -0.05
C ILE C 164 -4.43 -18.36 -0.48
N LYS C 165 -4.00 -17.20 -0.04
CA LYS C 165 -4.71 -15.96 -0.35
C LYS C 165 -3.74 -14.88 -0.74
N TYR C 166 -4.11 -14.07 -1.73
CA TYR C 166 -3.24 -12.99 -2.18
C TYR C 166 -3.97 -11.63 -2.29
N ASP C 167 -3.48 -10.61 -1.57
CA ASP C 167 -4.08 -9.27 -1.65
C ASP C 167 -3.24 -8.38 -2.56
N ALA C 168 -3.80 -7.94 -3.67
CA ALA C 168 -3.09 -7.13 -4.60
C ALA C 168 -2.71 -5.79 -3.98
N SER C 169 -3.55 -5.28 -3.10
CA SER C 169 -3.29 -4.01 -2.47
C SER C 169 -2.08 -4.00 -1.55
N THR C 170 -1.88 -5.06 -0.77
CA THR C 170 -0.75 -5.11 0.12
C THR C 170 0.37 -5.98 -0.42
N LYS C 171 0.07 -6.73 -1.47
CA LYS C 171 1.02 -7.62 -2.10
C LYS C 171 1.42 -8.74 -1.15
N ILE C 172 0.56 -9.02 -0.18
CA ILE C 172 0.84 -10.09 0.77
C ILE C 172 0.26 -11.41 0.30
N LEU C 173 1.10 -12.44 0.28
CA LEU C 173 0.66 -13.78 -0.09
C LEU C 173 0.72 -14.59 1.21
N HIS C 174 -0.44 -14.92 1.79
CA HIS C 174 -0.44 -15.72 3.01
C HIS C 174 -1.02 -17.08 2.79
N VAL C 175 -0.37 -18.08 3.36
CA VAL C 175 -0.81 -19.46 3.21
C VAL C 175 -1.01 -20.08 4.58
N VAL C 176 -2.04 -20.92 4.68
CA VAL C 176 -2.39 -21.60 5.91
C VAL C 176 -2.50 -23.09 5.64
N LEU C 177 -1.89 -23.88 6.52
CA LEU C 177 -1.93 -25.32 6.40
C LEU C 177 -2.55 -25.84 7.66
N VAL C 178 -3.61 -26.61 7.54
CA VAL C 178 -4.28 -27.19 8.72
C VAL C 178 -4.48 -28.71 8.57
N PHE C 179 -4.08 -29.45 9.60
CA PHE C 179 -4.25 -30.90 9.63
C PHE C 179 -5.38 -31.15 10.63
N PRO C 180 -6.64 -31.17 10.15
CA PRO C 180 -7.82 -31.39 10.98
C PRO C 180 -7.77 -32.52 11.99
N SER C 181 -7.18 -33.65 11.63
CA SER C 181 -7.09 -34.77 12.57
C SER C 181 -6.16 -34.50 13.75
N LEU C 182 -5.15 -33.68 13.54
CA LEU C 182 -4.20 -33.38 14.61
C LEU C 182 -4.56 -32.05 15.26
N GLY C 183 -5.35 -31.25 14.56
CA GLY C 183 -5.73 -29.95 15.06
C GLY C 183 -4.57 -28.95 15.00
N THR C 184 -3.55 -29.24 14.21
CA THR C 184 -2.41 -28.33 14.10
C THR C 184 -2.59 -27.27 13.00
N ILE C 185 -2.01 -26.08 13.24
CA ILE C 185 -2.15 -24.98 12.29
C ILE C 185 -0.80 -24.36 12.01
N TYR C 186 -0.46 -24.25 10.73
CA TYR C 186 0.83 -23.67 10.32
C TYR C 186 0.53 -22.50 9.42
N THR C 187 1.22 -21.40 9.66
CA THR C 187 0.97 -20.21 8.86
C THR C 187 2.26 -19.57 8.36
N ILE C 188 2.21 -19.05 7.15
CA ILE C 188 3.36 -18.38 6.56
C ILE C 188 2.90 -17.32 5.56
N ALA C 189 3.64 -16.22 5.48
CA ALA C 189 3.28 -15.15 4.57
C ALA C 189 4.49 -14.39 4.06
N ASP C 190 4.37 -13.78 2.89
CA ASP C 190 5.45 -12.98 2.38
C ASP C 190 4.94 -12.00 1.32
N ILE C 191 5.76 -11.04 0.93
CA ILE C 191 5.37 -10.06 -0.06
C ILE C 191 5.85 -10.49 -1.42
N VAL C 192 4.94 -10.52 -2.38
CA VAL C 192 5.28 -10.93 -3.72
C VAL C 192 4.56 -10.01 -4.68
N ASP C 193 5.28 -9.48 -5.66
CA ASP C 193 4.65 -8.60 -6.63
C ASP C 193 4.45 -9.39 -7.91
N LEU C 194 3.26 -9.93 -8.09
CA LEU C 194 2.98 -10.75 -9.27
C LEU C 194 3.28 -9.99 -10.57
N LYS C 195 2.83 -8.74 -10.62
CA LYS C 195 3.00 -7.88 -11.77
C LYS C 195 4.45 -7.82 -12.23
N GLN C 196 5.34 -7.96 -11.28
CA GLN C 196 6.77 -7.88 -11.53
C GLN C 196 7.42 -9.19 -11.95
N VAL C 197 6.77 -10.32 -11.74
CA VAL C 197 7.36 -11.61 -12.08
C VAL C 197 6.64 -12.43 -13.13
N LEU C 198 5.34 -12.21 -13.27
CA LEU C 198 4.53 -12.97 -14.21
C LEU C 198 3.85 -12.17 -15.31
N PRO C 199 3.51 -12.85 -16.42
CA PRO C 199 2.84 -12.22 -17.55
C PRO C 199 1.37 -11.96 -17.17
N GLU C 200 0.65 -11.18 -17.98
CA GLU C 200 -0.74 -10.87 -17.68
C GLU C 200 -1.66 -12.08 -17.54
N SER C 201 -1.40 -13.11 -18.36
CA SER C 201 -2.21 -14.33 -18.29
C SER C 201 -1.34 -15.47 -17.85
N VAL C 202 -1.86 -16.30 -16.94
CA VAL C 202 -1.10 -17.43 -16.44
C VAL C 202 -1.96 -18.68 -16.32
N ASN C 203 -1.33 -19.77 -15.89
CA ASN C 203 -2.03 -21.03 -15.64
C ASN C 203 -1.82 -21.29 -14.16
N VAL C 204 -2.78 -21.94 -13.54
CA VAL C 204 -2.67 -22.27 -12.13
C VAL C 204 -2.86 -23.78 -11.98
N GLY C 205 -2.09 -24.40 -11.10
CA GLY C 205 -2.24 -25.83 -10.92
C GLY C 205 -1.32 -26.42 -9.88
N PHE C 206 -1.19 -27.74 -9.90
CA PHE C 206 -0.32 -28.44 -8.97
C PHE C 206 0.74 -29.22 -9.72
N SER C 207 1.80 -29.58 -9.01
CA SER C 207 2.89 -30.35 -9.57
C SER C 207 3.53 -31.06 -8.40
N ALA C 208 4.02 -32.26 -8.65
CA ALA C 208 4.65 -33.04 -7.60
C ALA C 208 5.68 -33.97 -8.22
N ALA C 209 6.54 -34.54 -7.37
CA ALA C 209 7.57 -35.45 -7.84
C ALA C 209 8.07 -36.38 -6.73
N THR C 210 8.41 -37.59 -7.13
CA THR C 210 8.96 -38.57 -6.19
C THR C 210 10.47 -38.69 -6.42
N GLY C 211 11.14 -39.45 -5.55
CA GLY C 211 12.58 -39.62 -5.62
C GLY C 211 13.20 -39.78 -7.01
N ASP C 212 14.31 -39.10 -7.23
CA ASP C 212 15.03 -39.15 -8.50
C ASP C 212 15.93 -40.37 -8.53
N PRO C 213 16.01 -41.04 -9.68
CA PRO C 213 16.84 -42.25 -9.83
C PRO C 213 18.29 -42.07 -9.41
N SER C 214 18.86 -40.92 -9.74
CA SER C 214 20.25 -40.66 -9.42
C SER C 214 20.52 -40.82 -7.92
N GLY C 215 19.48 -40.71 -7.11
CA GLY C 215 19.65 -40.86 -5.67
C GLY C 215 19.81 -42.32 -5.33
N LYS C 216 19.47 -43.17 -6.30
CA LYS C 216 19.57 -44.63 -6.15
C LYS C 216 18.87 -45.14 -4.91
N GLN C 217 17.61 -44.75 -4.73
CA GLN C 217 16.82 -45.15 -3.57
C GLN C 217 15.35 -45.22 -3.96
N ARG C 218 14.87 -46.42 -4.23
CA ARG C 218 13.48 -46.61 -4.62
C ARG C 218 12.49 -46.29 -3.51
N ASN C 219 12.95 -46.34 -2.27
CA ASN C 219 12.13 -46.03 -1.12
C ASN C 219 11.91 -44.51 -1.00
N ALA C 220 12.61 -43.76 -1.83
CA ALA C 220 12.50 -42.32 -1.83
C ALA C 220 11.22 -41.95 -2.60
N THR C 221 10.07 -42.19 -1.97
CA THR C 221 8.82 -41.90 -2.64
C THR C 221 7.69 -41.75 -1.66
N GLU C 222 6.51 -41.35 -2.17
CA GLU C 222 5.30 -41.11 -1.37
C GLU C 222 4.18 -40.77 -2.34
N THR C 223 2.98 -40.54 -1.82
CA THR C 223 1.88 -40.19 -2.71
C THR C 223 1.67 -38.69 -2.66
N HIS C 224 1.05 -38.14 -3.70
CA HIS C 224 0.78 -36.71 -3.74
C HIS C 224 -0.61 -36.56 -4.32
N ASP C 225 -1.62 -36.83 -3.50
CA ASP C 225 -3.01 -36.75 -3.94
C ASP C 225 -3.74 -35.50 -3.56
N ILE C 226 -4.60 -35.08 -4.49
CA ILE C 226 -5.43 -33.89 -4.29
C ILE C 226 -6.91 -34.25 -4.30
N LEU C 227 -7.54 -34.08 -3.14
CA LEU C 227 -8.92 -34.43 -2.96
C LEU C 227 -9.90 -33.45 -3.58
N SER C 228 -9.70 -32.16 -3.31
CA SER C 228 -10.57 -31.11 -3.86
C SER C 228 -9.79 -29.80 -4.14
N TRP C 229 -10.44 -28.86 -4.83
CA TRP C 229 -9.80 -27.63 -5.19
C TRP C 229 -10.76 -26.57 -5.69
N SER C 230 -10.70 -25.39 -5.11
CA SER C 230 -11.50 -24.25 -5.55
C SER C 230 -10.56 -23.06 -5.76
N PHE C 231 -10.84 -22.26 -6.78
CA PHE C 231 -10.01 -21.10 -7.06
C PHE C 231 -10.93 -19.91 -7.24
N SER C 232 -10.43 -18.71 -6.94
CA SER C 232 -11.24 -17.51 -7.08
C SER C 232 -10.35 -16.30 -7.35
N ALA C 233 -10.61 -15.56 -8.42
CA ALA C 233 -9.80 -14.39 -8.71
C ALA C 233 -10.63 -13.16 -9.10
N SER C 234 -10.12 -11.97 -8.79
CA SER C 234 -10.82 -10.73 -9.12
C SER C 234 -9.87 -9.68 -9.62
N LEU C 235 -10.14 -9.18 -10.82
CA LEU C 235 -9.31 -8.15 -11.42
C LEU C 235 -10.17 -6.93 -11.68
N PRO C 236 -10.13 -5.93 -10.78
CA PRO C 236 -10.92 -4.69 -10.94
C PRO C 236 -10.62 -3.98 -12.27
N GLY C 237 -9.39 -4.15 -12.76
CA GLY C 237 -8.98 -3.56 -14.03
C GLY C 237 -9.72 -4.16 -15.25
N LYS D 1 17.25 -12.13 23.11
CA LYS D 1 16.24 -12.05 24.23
C LYS D 1 14.96 -12.76 23.80
N THR D 2 14.41 -13.60 24.67
CA THR D 2 13.19 -14.35 24.35
C THR D 2 12.19 -14.48 25.49
N ILE D 3 11.08 -13.72 25.37
CA ILE D 3 10.00 -13.76 26.35
C ILE D 3 9.11 -14.90 25.89
N SER D 4 8.57 -15.68 26.83
CA SER D 4 7.71 -16.80 26.47
C SER D 4 6.91 -17.34 27.64
N PHE D 5 5.60 -17.49 27.46
CA PHE D 5 4.75 -18.00 28.52
C PHE D 5 3.61 -18.78 27.92
N ASN D 6 3.02 -19.69 28.69
CA ASN D 6 1.90 -20.49 28.22
C ASN D 6 0.83 -20.59 29.33
N PHE D 7 -0.42 -20.78 28.93
CA PHE D 7 -1.53 -20.91 29.86
C PHE D 7 -2.44 -21.98 29.27
N ASN D 8 -2.37 -23.21 29.78
CA ASN D 8 -3.22 -24.30 29.26
C ASN D 8 -4.62 -24.07 29.79
N GLN D 9 -4.68 -23.48 30.97
CA GLN D 9 -5.93 -23.18 31.62
C GLN D 9 -5.59 -21.98 32.47
N PHE D 10 -6.58 -21.40 33.12
CA PHE D 10 -6.32 -20.24 33.96
C PHE D 10 -6.58 -20.62 35.41
N HIS D 11 -5.94 -19.90 36.34
CA HIS D 11 -6.10 -20.19 37.76
C HIS D 11 -6.47 -18.97 38.58
N GLN D 12 -7.63 -19.04 39.24
CA GLN D 12 -8.10 -17.95 40.09
C GLN D 12 -6.91 -17.65 41.01
N ASN D 13 -6.51 -16.39 41.05
CA ASN D 13 -5.38 -15.97 41.85
C ASN D 13 -4.11 -16.31 41.08
N GLU D 14 -4.06 -15.84 39.83
CA GLU D 14 -2.92 -16.03 38.94
C GLU D 14 -2.08 -14.76 39.00
N GLU D 15 -0.81 -14.91 39.39
CA GLU D 15 0.10 -13.78 39.53
C GLU D 15 0.49 -13.16 38.18
N GLN D 16 0.65 -14.02 37.18
CA GLN D 16 1.05 -13.62 35.84
C GLN D 16 0.07 -12.72 35.07
N LEU D 17 -1.21 -12.78 35.45
CA LEU D 17 -2.24 -11.98 34.80
C LEU D 17 -2.71 -10.81 35.63
N LYS D 18 -3.06 -9.73 34.96
CA LYS D 18 -3.60 -8.54 35.61
C LYS D 18 -5.01 -8.37 35.05
N LEU D 19 -6.02 -8.55 35.89
CA LEU D 19 -7.42 -8.43 35.49
C LEU D 19 -7.92 -7.03 35.77
N GLN D 20 -8.71 -6.48 34.86
CA GLN D 20 -9.25 -5.13 35.03
C GLN D 20 -10.76 -5.11 34.80
N ARG D 21 -11.44 -4.26 35.58
CA ARG D 21 -12.91 -4.15 35.51
C ARG D 21 -13.60 -5.52 35.67
N ASP D 22 -14.65 -5.76 34.90
CA ASP D 22 -15.40 -7.00 34.97
C ASP D 22 -14.66 -8.32 34.74
N ALA D 23 -13.45 -8.24 34.19
CA ALA D 23 -12.70 -9.44 33.89
C ALA D 23 -12.48 -10.27 35.15
N ARG D 24 -12.76 -11.57 35.08
CA ARG D 24 -12.55 -12.46 36.21
C ARG D 24 -12.36 -13.91 35.72
N ILE D 25 -11.71 -14.74 36.54
CA ILE D 25 -11.46 -16.15 36.19
C ILE D 25 -12.47 -17.06 36.86
N SER D 26 -13.23 -17.81 36.07
CA SER D 26 -14.25 -18.70 36.61
C SER D 26 -13.62 -19.85 37.33
N SER D 27 -14.44 -20.53 38.13
CA SER D 27 -13.98 -21.69 38.93
C SER D 27 -13.45 -22.83 38.07
N ASN D 28 -14.14 -23.15 36.99
CA ASN D 28 -13.68 -24.23 36.13
C ASN D 28 -12.53 -23.83 35.20
N SER D 29 -11.73 -22.85 35.65
CA SER D 29 -10.50 -22.37 34.97
C SER D 29 -10.50 -21.57 33.66
N VAL D 30 -11.56 -20.82 33.39
CA VAL D 30 -11.57 -20.03 32.15
C VAL D 30 -11.51 -18.52 32.47
N LEU D 31 -10.93 -17.74 31.56
CA LEU D 31 -10.84 -16.30 31.75
C LEU D 31 -12.05 -15.67 31.09
N GLU D 32 -12.95 -15.12 31.90
CA GLU D 32 -14.15 -14.48 31.37
C GLU D 32 -13.91 -12.97 31.35
N LEU D 33 -13.76 -12.42 30.16
CA LEU D 33 -13.50 -11.00 29.99
C LEU D 33 -14.70 -10.16 30.37
N THR D 34 -15.89 -10.60 29.99
CA THR D 34 -17.10 -9.85 30.32
C THR D 34 -17.91 -10.62 31.35
N LYS D 35 -18.79 -9.92 32.07
CA LYS D 35 -19.61 -10.53 33.12
C LYS D 35 -20.67 -11.54 32.68
N VAL D 36 -20.84 -12.55 33.50
CA VAL D 36 -21.84 -13.59 33.27
C VAL D 36 -22.37 -14.00 34.65
N VAL D 37 -23.63 -13.69 34.94
CA VAL D 37 -24.24 -14.01 36.24
C VAL D 37 -25.20 -15.20 36.15
N ASN D 38 -25.00 -16.16 37.04
CA ASN D 38 -25.83 -17.37 37.12
C ASN D 38 -25.91 -18.07 35.77
N GLY D 39 -24.87 -17.91 34.96
CA GLY D 39 -24.82 -18.54 33.66
C GLY D 39 -25.32 -17.67 32.51
N VAL D 40 -25.66 -16.42 32.80
CA VAL D 40 -26.15 -15.51 31.77
C VAL D 40 -25.27 -14.28 31.60
N PRO D 41 -24.89 -13.96 30.35
CA PRO D 41 -24.05 -12.81 30.07
C PRO D 41 -24.82 -11.50 30.25
N THR D 42 -24.19 -10.53 30.89
CA THR D 42 -24.78 -9.23 31.17
C THR D 42 -24.36 -8.15 30.17
N TRP D 43 -25.18 -7.12 30.03
CA TRP D 43 -24.88 -6.01 29.13
C TRP D 43 -24.09 -5.01 29.97
N ASN D 44 -23.63 -3.94 29.35
CA ASN D 44 -22.89 -2.91 30.08
C ASN D 44 -21.67 -3.48 30.82
N SER D 45 -20.96 -4.43 30.21
CA SER D 45 -19.78 -5.02 30.83
C SER D 45 -18.51 -4.76 30.01
N THR D 46 -17.38 -4.67 30.71
CA THR D 46 -16.10 -4.42 30.08
C THR D 46 -14.95 -4.98 30.94
N GLY D 47 -14.09 -5.79 30.34
CA GLY D 47 -12.98 -6.34 31.08
C GLY D 47 -11.75 -6.55 30.23
N ARG D 48 -10.58 -6.48 30.85
CA ARG D 48 -9.33 -6.68 30.14
C ARG D 48 -8.49 -7.61 30.97
N ALA D 49 -7.49 -8.22 30.35
CA ALA D 49 -6.57 -9.12 31.03
C ALA D 49 -5.22 -8.84 30.37
N LEU D 50 -4.24 -8.42 31.16
CA LEU D 50 -2.91 -8.14 30.62
C LEU D 50 -1.88 -9.08 31.23
N TYR D 51 -0.83 -9.37 30.48
CA TYR D 51 0.24 -10.18 31.01
C TYR D 51 1.03 -9.22 31.93
N ALA D 52 1.15 -9.59 33.20
CA ALA D 52 1.84 -8.77 34.21
C ALA D 52 3.14 -8.12 33.79
N LYS D 53 4.10 -8.95 33.38
CA LYS D 53 5.38 -8.42 32.97
C LYS D 53 5.28 -7.82 31.58
N PRO D 54 5.92 -6.66 31.38
CA PRO D 54 5.88 -6.00 30.07
C PRO D 54 6.86 -6.69 29.13
N VAL D 55 6.59 -6.58 27.82
CA VAL D 55 7.46 -7.21 26.82
C VAL D 55 8.12 -6.14 25.97
N GLN D 56 9.33 -6.40 25.50
CA GLN D 56 10.02 -5.41 24.69
C GLN D 56 9.86 -5.76 23.23
N VAL D 57 9.09 -4.97 22.47
CA VAL D 57 8.89 -5.24 21.06
C VAL D 57 9.98 -4.65 20.16
N TRP D 58 10.70 -3.65 20.65
CA TRP D 58 11.80 -3.09 19.87
C TRP D 58 12.81 -2.36 20.74
N ASP D 59 14.04 -2.30 20.27
CA ASP D 59 15.15 -1.69 20.99
C ASP D 59 15.74 -0.50 20.27
N SER D 60 15.53 0.68 20.85
CA SER D 60 16.03 1.92 20.27
C SER D 60 17.54 1.91 19.97
N THR D 61 18.31 1.21 20.81
CA THR D 61 19.75 1.11 20.62
C THR D 61 20.15 0.47 19.28
N THR D 62 19.71 -0.78 19.08
CA THR D 62 20.02 -1.52 17.86
C THR D 62 19.07 -1.17 16.73
N GLY D 63 17.86 -0.72 17.07
CA GLY D 63 16.88 -0.38 16.07
C GLY D 63 16.02 -1.56 15.67
N ASN D 64 16.39 -2.75 16.14
CA ASN D 64 15.68 -3.98 15.86
C ASN D 64 14.30 -4.05 16.49
N VAL D 65 13.35 -4.60 15.74
CA VAL D 65 11.99 -4.78 16.23
C VAL D 65 11.81 -6.29 16.36
N ALA D 66 11.01 -6.72 17.33
CA ALA D 66 10.80 -8.13 17.58
C ALA D 66 9.79 -8.81 16.68
N SER D 67 9.90 -10.13 16.62
CA SER D 67 8.97 -10.96 15.87
C SER D 67 8.28 -11.75 16.96
N PHE D 68 6.99 -11.97 16.83
CA PHE D 68 6.31 -12.72 17.86
C PHE D 68 5.22 -13.61 17.29
N GLU D 69 4.81 -14.60 18.09
CA GLU D 69 3.74 -15.48 17.71
C GLU D 69 2.89 -15.71 18.94
N THR D 70 1.57 -15.64 18.79
CA THR D 70 0.71 -15.89 19.92
C THR D 70 -0.47 -16.75 19.45
N ARG D 71 -0.90 -17.68 20.30
CA ARG D 71 -2.00 -18.57 19.97
C ARG D 71 -2.93 -18.60 21.15
N PHE D 72 -4.24 -18.62 20.88
CA PHE D 72 -5.20 -18.69 21.96
C PHE D 72 -6.52 -19.24 21.49
N SER D 73 -7.32 -19.75 22.41
CA SER D 73 -8.63 -20.28 22.08
C SER D 73 -9.64 -19.46 22.83
N PHE D 74 -10.75 -19.13 22.16
CA PHE D 74 -11.78 -18.37 22.83
C PHE D 74 -13.11 -18.96 22.50
N SER D 75 -14.14 -18.47 23.18
CA SER D 75 -15.48 -18.94 22.93
C SER D 75 -16.44 -17.79 23.19
N ILE D 76 -17.36 -17.59 22.24
CA ILE D 76 -18.37 -16.55 22.36
C ILE D 76 -19.72 -17.23 22.25
N ARG D 77 -20.49 -17.20 23.34
CA ARG D 77 -21.81 -17.79 23.33
C ARG D 77 -22.82 -16.66 23.24
N GLN D 78 -23.72 -16.76 22.26
CA GLN D 78 -24.74 -15.74 22.05
C GLN D 78 -26.13 -16.29 22.36
N PRO D 79 -26.57 -16.18 23.62
CA PRO D 79 -27.88 -16.65 24.09
C PRO D 79 -29.07 -15.95 23.44
N PHE D 80 -28.92 -14.66 23.17
CA PHE D 80 -30.01 -13.87 22.62
C PHE D 80 -29.77 -13.43 21.18
N PRO D 81 -30.23 -14.24 20.22
CA PRO D 81 -30.07 -13.94 18.79
C PRO D 81 -30.61 -12.56 18.42
N ARG D 82 -31.74 -12.21 18.99
CA ARG D 82 -32.37 -10.91 18.76
C ARG D 82 -32.26 -10.05 20.03
N PRO D 83 -32.18 -8.74 19.87
CA PRO D 83 -32.18 -8.05 18.59
C PRO D 83 -30.82 -8.10 17.93
N HIS D 84 -29.76 -8.23 18.74
CA HIS D 84 -28.41 -8.23 18.21
C HIS D 84 -27.36 -8.35 19.31
N PRO D 85 -26.45 -9.33 19.20
CA PRO D 85 -25.36 -9.57 20.18
C PRO D 85 -24.25 -8.53 20.04
N ALA D 86 -23.52 -8.24 21.12
CA ALA D 86 -22.44 -7.25 21.05
C ALA D 86 -21.50 -7.37 22.26
N ASP D 87 -20.27 -6.87 22.17
CA ASP D 87 -19.73 -6.20 20.99
C ASP D 87 -18.60 -7.02 20.34
N GLY D 88 -17.85 -7.75 21.15
CA GLY D 88 -16.77 -8.54 20.62
C GLY D 88 -15.56 -8.48 21.53
N LEU D 89 -14.47 -9.07 21.07
CA LEU D 89 -13.25 -9.06 21.86
C LEU D 89 -12.08 -8.82 20.94
N VAL D 90 -10.95 -8.46 21.54
CA VAL D 90 -9.73 -8.20 20.80
C VAL D 90 -8.50 -8.66 21.58
N PHE D 91 -7.42 -8.88 20.86
CA PHE D 91 -6.13 -9.21 21.43
C PHE D 91 -5.41 -7.89 21.15
N PHE D 92 -4.72 -7.30 22.11
CA PHE D 92 -4.09 -6.02 21.80
C PHE D 92 -2.70 -5.80 22.41
N ILE D 93 -1.99 -4.85 21.82
CA ILE D 93 -0.66 -4.46 22.23
C ILE D 93 -0.77 -2.94 22.46
N ALA D 94 -0.47 -2.49 23.68
CA ALA D 94 -0.54 -1.08 24.01
C ALA D 94 0.52 -0.70 25.02
N PRO D 95 0.68 0.59 25.29
CA PRO D 95 1.69 1.04 26.27
C PRO D 95 1.46 0.51 27.68
N PRO D 96 2.50 0.54 28.50
CA PRO D 96 2.36 0.05 29.88
C PRO D 96 1.51 1.00 30.73
N ASN D 97 0.84 0.43 31.72
CA ASN D 97 0.00 1.21 32.63
C ASN D 97 -1.05 2.10 31.95
N THR D 98 -2.00 1.47 31.25
CA THR D 98 -3.09 2.19 30.57
C THR D 98 -4.41 1.66 31.10
N GLN D 99 -5.31 2.55 31.46
CA GLN D 99 -6.59 2.09 32.00
C GLN D 99 -7.57 1.78 30.90
N THR D 100 -8.61 1.04 31.26
CA THR D 100 -9.66 0.61 30.35
C THR D 100 -10.30 1.80 29.62
N GLY D 101 -10.53 1.64 28.33
CA GLY D 101 -11.13 2.70 27.55
C GLY D 101 -12.64 2.56 27.51
N GLU D 102 -13.24 3.18 26.50
CA GLU D 102 -14.67 3.17 26.29
C GLU D 102 -15.15 1.73 26.03
N GLY D 103 -16.36 1.43 26.45
CA GLY D 103 -16.89 0.10 26.22
C GLY D 103 -17.63 0.01 24.90
N GLY D 104 -18.63 -0.85 24.84
CA GLY D 104 -19.38 -1.00 23.61
C GLY D 104 -18.51 -1.34 22.42
N GLY D 105 -18.78 -0.67 21.30
CA GLY D 105 -18.05 -0.90 20.06
C GLY D 105 -16.59 -0.55 20.16
N TYR D 106 -16.15 -0.06 21.32
CA TYR D 106 -14.74 0.28 21.48
C TYR D 106 -13.96 -0.80 22.21
N PHE D 107 -14.64 -1.90 22.55
CA PHE D 107 -14.04 -3.05 23.21
C PHE D 107 -13.24 -2.74 24.49
N GLY D 108 -13.22 -1.48 24.90
CA GLY D 108 -12.48 -1.11 26.10
C GLY D 108 -11.02 -0.77 25.83
N ILE D 109 -10.62 -0.66 24.56
CA ILE D 109 -9.23 -0.32 24.25
C ILE D 109 -9.05 1.09 23.73
N TYR D 110 -10.13 1.69 23.25
CA TYR D 110 -10.07 3.06 22.71
C TYR D 110 -10.70 4.04 23.68
N ASN D 111 -9.96 5.10 23.99
CA ASN D 111 -10.41 6.14 24.90
C ASN D 111 -10.33 7.50 24.18
N PRO D 112 -11.46 7.96 23.62
CA PRO D 112 -11.57 9.23 22.88
C PRO D 112 -10.96 10.43 23.59
N LEU D 113 -11.21 10.52 24.89
CA LEU D 113 -10.70 11.62 25.68
C LEU D 113 -9.17 11.57 25.64
N SER D 114 -8.59 10.56 26.27
CA SER D 114 -7.15 10.40 26.31
C SER D 114 -6.68 9.16 25.57
N PRO D 115 -6.63 9.26 24.24
CA PRO D 115 -6.19 8.16 23.38
C PRO D 115 -4.72 7.76 23.51
N TYR D 116 -4.47 6.46 23.67
CA TYR D 116 -3.10 5.95 23.71
C TYR D 116 -2.99 5.03 22.50
N PRO D 117 -1.80 4.95 21.89
CA PRO D 117 -1.61 4.10 20.71
C PRO D 117 -1.82 2.63 21.02
N PHE D 118 -2.16 1.85 20.00
CA PHE D 118 -2.33 0.42 20.20
C PHE D 118 -2.48 -0.31 18.88
N VAL D 119 -2.14 -1.60 18.87
CA VAL D 119 -2.31 -2.44 17.68
C VAL D 119 -3.23 -3.52 18.22
N ALA D 120 -4.24 -3.90 17.46
CA ALA D 120 -5.15 -4.92 17.94
C ALA D 120 -5.78 -5.73 16.83
N VAL D 121 -6.13 -6.98 17.15
CA VAL D 121 -6.81 -7.86 16.19
C VAL D 121 -8.19 -8.06 16.84
N GLU D 122 -9.24 -7.63 16.18
CA GLU D 122 -10.56 -7.72 16.74
C GLU D 122 -11.43 -8.77 16.13
N PHE D 123 -12.34 -9.28 16.97
CA PHE D 123 -13.33 -10.27 16.57
C PHE D 123 -14.63 -9.56 16.92
N ASP D 124 -15.10 -8.77 15.95
CA ASP D 124 -16.27 -7.93 16.04
C ASP D 124 -17.59 -8.62 15.73
N THR D 125 -18.52 -8.51 16.67
CA THR D 125 -19.83 -9.12 16.56
C THR D 125 -21.00 -8.13 16.39
N PHE D 126 -20.75 -6.85 16.62
CA PHE D 126 -21.79 -5.82 16.45
C PHE D 126 -21.40 -4.81 15.37
N ARG D 127 -22.37 -4.43 14.53
CA ARG D 127 -22.06 -3.49 13.48
C ARG D 127 -22.28 -2.04 13.83
N ASN D 128 -21.20 -1.31 14.09
CA ASN D 128 -21.28 0.10 14.39
C ASN D 128 -21.33 0.86 13.05
N THR D 129 -21.44 2.20 13.11
CA THR D 129 -21.53 2.99 11.89
C THR D 129 -20.30 2.85 10.99
N TRP D 130 -19.16 2.55 11.61
CA TRP D 130 -17.90 2.40 10.88
C TRP D 130 -17.53 0.96 10.49
N ASP D 131 -18.42 0.01 10.78
CA ASP D 131 -18.17 -1.41 10.50
C ASP D 131 -18.79 -1.98 9.26
N PRO D 132 -18.11 -2.98 8.68
CA PRO D 132 -18.60 -3.67 7.50
C PRO D 132 -19.54 -4.72 8.11
N GLN D 133 -20.12 -5.61 7.32
CA GLN D 133 -21.01 -6.58 7.94
C GLN D 133 -20.26 -7.38 9.02
N ILE D 134 -21.00 -7.94 9.97
CA ILE D 134 -20.41 -8.72 11.05
C ILE D 134 -20.96 -10.13 11.07
N PRO D 135 -20.29 -11.06 11.79
CA PRO D 135 -19.05 -10.85 12.54
C PRO D 135 -17.89 -10.70 11.56
N HIS D 136 -16.80 -10.08 12.00
CA HIS D 136 -15.63 -9.97 11.15
C HIS D 136 -14.36 -9.84 11.97
N ILE D 137 -13.24 -10.26 11.36
CA ILE D 137 -11.93 -10.14 12.00
C ILE D 137 -11.45 -8.82 11.44
N GLY D 138 -10.77 -8.03 12.26
CA GLY D 138 -10.25 -6.78 11.76
C GLY D 138 -8.90 -6.47 12.36
N ILE D 139 -8.06 -5.77 11.61
CA ILE D 139 -6.76 -5.38 12.12
C ILE D 139 -6.87 -3.90 12.42
N ASP D 140 -6.66 -3.51 13.69
CA ASP D 140 -6.76 -2.13 14.11
C ASP D 140 -5.45 -1.52 14.55
N VAL D 141 -5.21 -0.28 14.12
CA VAL D 141 -4.01 0.44 14.50
C VAL D 141 -4.46 1.80 15.02
N ASN D 142 -4.29 2.04 16.32
CA ASN D 142 -4.66 3.30 16.95
C ASN D 142 -6.14 3.67 16.82
N SER D 143 -6.90 2.88 16.08
CA SER D 143 -8.29 3.19 15.89
C SER D 143 -9.09 1.89 15.86
N VAL D 144 -10.40 2.01 16.02
CA VAL D 144 -11.26 0.85 16.02
C VAL D 144 -11.85 0.71 14.61
N ILE D 145 -11.36 1.55 13.71
CA ILE D 145 -11.79 1.51 12.32
C ILE D 145 -10.71 0.73 11.59
N SER D 146 -10.91 -0.58 11.49
CA SER D 146 -9.96 -1.51 10.88
C SER D 146 -9.32 -1.09 9.58
N THR D 147 -8.07 -1.45 9.41
CA THR D 147 -7.34 -1.17 8.19
C THR D 147 -7.75 -2.24 7.17
N LYS D 148 -7.80 -3.48 7.64
CA LYS D 148 -8.18 -4.61 6.81
C LYS D 148 -9.29 -5.32 7.56
N THR D 149 -10.17 -5.98 6.83
CA THR D 149 -11.30 -6.68 7.44
C THR D 149 -11.68 -7.93 6.67
N VAL D 150 -12.07 -8.97 7.37
CA VAL D 150 -12.55 -10.18 6.71
C VAL D 150 -13.74 -10.73 7.51
N PRO D 151 -14.81 -11.14 6.81
CA PRO D 151 -15.98 -11.67 7.49
C PRO D 151 -15.83 -13.15 7.85
N PHE D 152 -16.47 -13.56 8.93
CA PHE D 152 -16.45 -14.96 9.34
C PHE D 152 -17.79 -15.33 9.99
N THR D 153 -18.15 -16.60 9.93
CA THR D 153 -19.38 -17.10 10.54
C THR D 153 -18.99 -17.72 11.86
N LEU D 154 -19.54 -17.18 12.94
CA LEU D 154 -19.25 -17.67 14.28
C LEU D 154 -19.81 -19.08 14.59
N ASP D 155 -19.16 -19.79 15.50
CA ASP D 155 -19.67 -21.09 15.89
C ASP D 155 -20.14 -20.82 17.31
N ASN D 156 -21.43 -20.49 17.43
CA ASN D 156 -22.04 -20.16 18.71
C ASN D 156 -21.65 -21.10 19.83
N GLY D 157 -21.02 -20.55 20.87
CA GLY D 157 -20.60 -21.36 22.00
C GLY D 157 -19.51 -22.38 21.69
N GLY D 158 -19.15 -22.50 20.41
CA GLY D 158 -18.11 -23.45 20.02
C GLY D 158 -16.73 -22.92 20.37
N ILE D 159 -15.71 -23.69 20.02
CA ILE D 159 -14.35 -23.28 20.30
C ILE D 159 -13.65 -22.73 19.06
N ALA D 160 -12.86 -21.67 19.25
CA ALA D 160 -12.14 -21.07 18.13
C ALA D 160 -10.67 -21.05 18.44
N ASN D 161 -9.85 -21.39 17.44
CA ASN D 161 -8.41 -21.38 17.60
C ASN D 161 -7.91 -20.22 16.78
N VAL D 162 -7.11 -19.37 17.39
CA VAL D 162 -6.57 -18.22 16.71
C VAL D 162 -5.04 -18.30 16.72
N VAL D 163 -4.43 -17.91 15.62
CA VAL D 163 -2.99 -17.85 15.53
C VAL D 163 -2.62 -16.48 14.97
N ILE D 164 -1.93 -15.66 15.74
CA ILE D 164 -1.51 -14.35 15.27
C ILE D 164 0.00 -14.39 15.21
N LYS D 165 0.55 -14.00 14.06
CA LYS D 165 2.00 -14.02 13.87
C LYS D 165 2.51 -12.70 13.26
N TYR D 166 3.68 -12.24 13.73
CA TYR D 166 4.26 -11.00 13.20
C TYR D 166 5.74 -11.13 12.81
N ASP D 167 6.07 -10.89 11.53
CA ASP D 167 7.46 -10.93 11.07
C ASP D 167 8.01 -9.53 11.00
N ALA D 168 9.00 -9.25 11.82
CA ALA D 168 9.58 -7.95 11.81
C ALA D 168 10.25 -7.63 10.48
N SER D 169 10.78 -8.64 9.81
CA SER D 169 11.47 -8.41 8.56
C SER D 169 10.57 -7.93 7.44
N THR D 170 9.37 -8.49 7.34
CA THR D 170 8.45 -8.10 6.29
C THR D 170 7.37 -7.17 6.80
N LYS D 171 7.31 -7.02 8.12
CA LYS D 171 6.29 -6.18 8.77
C LYS D 171 4.88 -6.72 8.52
N ILE D 172 4.77 -8.00 8.21
CA ILE D 172 3.47 -8.60 7.95
C ILE D 172 2.86 -9.15 9.22
N LEU D 173 1.62 -8.77 9.51
CA LEU D 173 0.93 -9.29 10.66
C LEU D 173 -0.16 -10.19 10.09
N HIS D 174 -0.03 -11.51 10.23
CA HIS D 174 -1.07 -12.40 9.72
C HIS D 174 -1.79 -13.12 10.85
N VAL D 175 -3.10 -13.17 10.74
CA VAL D 175 -3.93 -13.82 11.73
C VAL D 175 -4.79 -14.91 11.09
N VAL D 176 -4.96 -16.02 11.82
CA VAL D 176 -5.73 -17.18 11.35
C VAL D 176 -6.75 -17.52 12.38
N LEU D 177 -7.97 -17.76 11.93
CA LEU D 177 -9.07 -18.11 12.83
C LEU D 177 -9.61 -19.44 12.35
N VAL D 178 -9.66 -20.43 13.25
CA VAL D 178 -10.13 -21.76 12.88
C VAL D 178 -11.16 -22.25 13.86
N PHE D 179 -12.30 -22.72 13.34
CA PHE D 179 -13.38 -23.26 14.16
C PHE D 179 -13.33 -24.77 13.93
N PRO D 180 -12.55 -25.51 14.73
CA PRO D 180 -12.39 -26.96 14.61
C PRO D 180 -13.65 -27.77 14.43
N SER D 181 -14.71 -27.43 15.13
CA SER D 181 -15.98 -28.18 14.98
C SER D 181 -16.61 -28.02 13.61
N LEU D 182 -16.40 -26.88 12.95
CA LEU D 182 -17.01 -26.64 11.65
C LEU D 182 -15.99 -26.89 10.56
N GLY D 183 -14.72 -26.89 10.94
CA GLY D 183 -13.65 -27.12 9.98
C GLY D 183 -13.42 -25.93 9.07
N THR D 184 -13.89 -24.76 9.49
CA THR D 184 -13.74 -23.55 8.69
C THR D 184 -12.45 -22.81 9.03
N ILE D 185 -11.88 -22.14 8.02
CA ILE D 185 -10.62 -21.42 8.19
C ILE D 185 -10.75 -20.04 7.62
N TYR D 186 -10.40 -19.02 8.40
CA TYR D 186 -10.45 -17.63 7.97
C TYR D 186 -9.07 -17.07 8.14
N THR D 187 -8.61 -16.37 7.11
CA THR D 187 -7.27 -15.77 7.17
C THR D 187 -7.26 -14.28 6.76
N ILE D 188 -6.40 -13.52 7.39
CA ILE D 188 -6.30 -12.11 7.10
C ILE D 188 -4.89 -11.63 7.46
N ALA D 189 -4.38 -10.67 6.70
CA ALA D 189 -3.04 -10.17 6.96
C ALA D 189 -2.89 -8.73 6.49
N ASP D 190 -1.98 -8.00 7.12
CA ASP D 190 -1.71 -6.63 6.72
C ASP D 190 -0.33 -6.20 7.18
N ILE D 191 0.13 -5.08 6.65
CA ILE D 191 1.45 -4.59 7.02
C ILE D 191 1.31 -3.57 8.12
N VAL D 192 2.06 -3.77 9.19
CA VAL D 192 2.03 -2.87 10.34
C VAL D 192 3.44 -2.66 10.82
N ASP D 193 3.83 -1.40 11.03
CA ASP D 193 5.17 -1.12 11.50
C ASP D 193 5.05 -0.81 12.99
N LEU D 194 5.31 -1.79 13.84
CA LEU D 194 5.18 -1.58 15.29
C LEU D 194 6.04 -0.42 15.77
N LYS D 195 7.28 -0.41 15.29
CA LYS D 195 8.26 0.61 15.65
C LYS D 195 7.73 2.02 15.47
N GLN D 196 6.87 2.17 14.47
CA GLN D 196 6.26 3.46 14.13
C GLN D 196 5.04 3.84 14.94
N VAL D 197 4.40 2.89 15.62
CA VAL D 197 3.19 3.19 16.37
C VAL D 197 3.26 2.97 17.88
N LEU D 198 4.13 2.06 18.32
CA LEU D 198 4.24 1.73 19.73
C LEU D 198 5.58 2.03 20.37
N PRO D 199 5.58 2.16 21.71
CA PRO D 199 6.82 2.43 22.47
C PRO D 199 7.63 1.14 22.55
N GLU D 200 8.89 1.24 22.98
CA GLU D 200 9.75 0.06 23.06
C GLU D 200 9.21 -1.05 23.93
N SER D 201 8.53 -0.71 25.02
CA SER D 201 7.95 -1.72 25.89
C SER D 201 6.44 -1.58 25.89
N VAL D 202 5.76 -2.71 25.83
CA VAL D 202 4.31 -2.72 25.79
C VAL D 202 3.73 -3.81 26.66
N ASN D 203 2.40 -3.86 26.71
CA ASN D 203 1.66 -4.87 27.43
C ASN D 203 0.85 -5.59 26.38
N VAL D 204 0.60 -6.87 26.59
CA VAL D 204 -0.17 -7.64 25.63
C VAL D 204 -1.29 -8.30 26.38
N GLY D 205 -2.48 -8.34 25.78
CA GLY D 205 -3.59 -8.95 26.46
C GLY D 205 -4.88 -8.98 25.67
N PHE D 206 -5.99 -9.21 26.36
CA PHE D 206 -7.29 -9.25 25.73
C PHE D 206 -8.19 -8.22 26.36
N SER D 207 -9.24 -7.86 25.64
CA SER D 207 -10.23 -6.92 26.11
C SER D 207 -11.52 -7.26 25.39
N ALA D 208 -12.65 -7.08 26.06
CA ALA D 208 -13.93 -7.39 25.46
C ALA D 208 -15.01 -6.50 26.06
N ALA D 209 -16.17 -6.44 25.43
CA ALA D 209 -17.24 -5.61 25.94
C ALA D 209 -18.61 -6.07 25.42
N THR D 210 -19.64 -5.93 26.25
CA THR D 210 -21.00 -6.30 25.86
C THR D 210 -21.77 -5.02 25.59
N GLY D 211 -23.01 -5.18 25.12
CA GLY D 211 -23.86 -4.05 24.77
C GLY D 211 -23.85 -2.84 25.69
N ASP D 212 -23.78 -1.66 25.11
CA ASP D 212 -23.77 -0.40 25.86
C ASP D 212 -25.20 -0.02 26.24
N PRO D 213 -25.40 0.51 27.46
CA PRO D 213 -26.73 0.89 27.94
C PRO D 213 -27.46 1.85 27.02
N SER D 214 -26.73 2.82 26.46
CA SER D 214 -27.34 3.81 25.58
C SER D 214 -28.10 3.15 24.43
N GLY D 215 -27.75 1.91 24.11
CA GLY D 215 -28.42 1.19 23.04
C GLY D 215 -29.79 0.72 23.50
N LYS D 216 -29.98 0.76 24.83
CA LYS D 216 -31.23 0.36 25.45
C LYS D 216 -31.69 -1.02 25.00
N GLN D 217 -30.79 -1.99 25.11
CA GLN D 217 -31.09 -3.38 24.71
C GLN D 217 -30.27 -4.34 25.56
N ARG D 218 -30.89 -4.89 26.58
CA ARG D 218 -30.21 -5.82 27.47
C ARG D 218 -29.81 -7.12 26.77
N ASN D 219 -30.50 -7.44 25.68
CA ASN D 219 -30.21 -8.65 24.92
C ASN D 219 -28.94 -8.48 24.11
N ALA D 220 -28.41 -7.25 24.10
CA ALA D 220 -27.19 -6.94 23.37
C ALA D 220 -26.01 -7.41 24.19
N THR D 221 -25.81 -8.73 24.24
CA THR D 221 -24.73 -9.28 25.01
C THR D 221 -24.34 -10.67 24.57
N GLU D 222 -23.26 -11.19 25.14
CA GLU D 222 -22.73 -12.51 24.81
C GLU D 222 -21.56 -12.77 25.76
N THR D 223 -20.95 -13.95 25.69
CA THR D 223 -19.81 -14.22 26.54
C THR D 223 -18.51 -14.00 25.74
N HIS D 224 -17.42 -13.77 26.44
CA HIS D 224 -16.14 -13.57 25.79
C HIS D 224 -15.09 -14.30 26.62
N ASP D 225 -15.07 -15.63 26.50
CA ASP D 225 -14.15 -16.42 27.30
C ASP D 225 -12.89 -16.82 26.56
N ILE D 226 -11.77 -16.74 27.26
CA ILE D 226 -10.47 -17.12 26.73
C ILE D 226 -10.15 -18.46 27.39
N LEU D 227 -10.02 -19.51 26.59
CA LEU D 227 -9.78 -20.84 27.15
C LEU D 227 -8.33 -21.27 27.33
N SER D 228 -7.40 -20.62 26.64
CA SER D 228 -5.96 -20.96 26.75
C SER D 228 -5.14 -19.91 25.98
N TRP D 229 -3.86 -19.80 26.26
CA TRP D 229 -3.07 -18.77 25.60
C TRP D 229 -1.56 -18.93 25.76
N SER D 230 -0.83 -18.84 24.64
CA SER D 230 0.64 -18.95 24.61
C SER D 230 1.22 -17.81 23.81
N PHE D 231 2.31 -17.23 24.28
CA PHE D 231 2.94 -16.08 23.64
C PHE D 231 4.46 -16.29 23.51
N SER D 232 5.04 -15.76 22.45
CA SER D 232 6.47 -15.92 22.24
C SER D 232 7.07 -14.86 21.35
N ALA D 233 8.10 -14.18 21.82
CA ALA D 233 8.73 -13.13 21.04
C ALA D 233 10.26 -13.21 21.05
N SER D 234 10.87 -12.65 20.02
CA SER D 234 12.31 -12.65 19.87
C SER D 234 12.81 -11.31 19.40
N LEU D 235 13.66 -10.70 20.21
CA LEU D 235 14.26 -9.41 19.86
C LEU D 235 15.75 -9.68 19.60
N PRO D 236 16.14 -9.87 18.32
CA PRO D 236 17.53 -10.14 17.95
C PRO D 236 18.57 -9.26 18.67
N GLY D 237 18.61 -7.98 18.33
CA GLY D 237 19.55 -7.10 18.98
C GLY D 237 19.06 -6.65 20.35
C1 NAG E . -1.74 51.22 5.69
C2 NAG E . -0.59 51.93 6.42
C3 NAG E . -0.39 53.36 5.89
C4 NAG E . -0.27 53.30 4.36
C5 NAG E . -1.49 52.64 3.78
C6 NAG E . -1.43 52.56 2.28
C7 NAG E . -0.27 51.11 8.68
C8 NAG E . -1.01 50.81 9.97
N2 NAG E . -0.87 51.97 7.85
O3 NAG E . 0.82 53.93 6.44
O4 NAG E . -0.14 54.62 3.82
O5 NAG E . -1.59 51.30 4.26
O6 NAG E . -0.36 51.74 1.87
O7 NAG E . 0.80 50.58 8.44
C1 FUC E . 0.68 54.68 7.61
C2 FUC E . 1.95 54.58 8.48
C3 FUC E . 3.11 55.33 7.81
C4 FUC E . 2.69 56.79 7.55
C5 FUC E . 1.41 56.82 6.70
C6 FUC E . 0.87 58.22 6.47
O2 FUC E . 2.32 53.22 8.64
O3 FUC E . 4.29 55.26 8.63
O4 FUC E . 2.47 57.47 8.79
O5 FUC E . 0.36 56.05 7.36
C1 NAG E . 1.00 54.81 3.07
C2 NAG E . 0.98 56.22 2.48
C3 NAG E . 2.32 56.58 1.83
C4 NAG E . 3.48 56.30 2.77
C5 NAG E . 3.38 54.84 3.26
C6 NAG E . 4.48 54.40 4.23
C7 NAG E . -1.22 56.89 1.81
C8 NAG E . -1.41 58.33 1.34
N2 NAG E . -0.07 56.31 1.49
O3 NAG E . 2.31 57.96 1.49
O4 NAG E . 4.71 56.51 2.09
O5 NAG E . 2.13 54.65 3.94
O6 NAG E . 4.04 53.35 5.08
O7 NAG E . -2.09 56.32 2.48
C1 NAG F . -16.59 42.32 12.12
C2 NAG F . -17.18 43.44 12.99
C3 NAG F . -18.28 42.82 13.81
C4 NAG F . -19.37 42.29 12.88
C5 NAG F . -18.72 41.22 12.00
C6 NAG F . -19.69 40.65 10.99
C7 NAG F . -15.54 45.15 13.52
C8 NAG F . -14.50 45.68 14.48
N2 NAG F . -16.15 44.02 13.84
O3 NAG F . -18.81 43.73 14.79
O4 NAG F . -20.43 41.72 13.64
O5 NAG F . -17.61 41.79 11.26
O6 NAG F . -19.37 41.06 9.66
O7 NAG F . -15.79 45.79 12.48
C1 FUC F . -19.66 44.77 14.37
C2 FUC F . -20.76 44.99 15.43
C3 FUC F . -20.17 45.62 16.71
C4 FUC F . -19.35 46.87 16.39
C5 FUC F . -18.31 46.53 15.32
C6 FUC F . -17.52 47.73 14.87
O2 FUC F . -21.36 43.74 15.74
O3 FUC F . -21.22 45.97 17.62
O4 FUC F . -20.19 47.91 15.91
O5 FUC F . -18.95 45.98 14.14
C2 BGC G . 0.78 38.78 18.54
C3 BGC G . -0.11 37.54 18.44
C4 BGC G . -1.53 37.90 17.98
C5 BGC G . -1.43 38.78 16.72
C6 BGC G . -2.78 39.22 16.19
C1 BGC G . 0.68 39.67 17.28
O1 BGC G . 1.33 40.86 17.54
O2 BGC G . 2.13 38.37 18.70
O3 BGC G . -0.20 36.90 19.71
O4 BGC G . -2.25 36.71 17.72
O5 BGC G . -0.68 39.97 16.99
O6 BGC G . -3.37 38.08 15.55
C1 GLA G . -4.67 38.25 15.10
C2 GLA G . -5.11 36.95 14.40
C3 GLA G . -4.23 36.71 13.17
C4 GLA G . -4.29 37.92 12.24
C5 GLA G . -3.89 39.18 13.01
C6 GLA G . -4.04 40.44 12.20
O2 GLA G . -5.00 35.85 15.28
O3 GLA G . -4.65 35.54 12.51
O4 GLA G . -5.60 38.08 11.75
O5 GLA G . -4.74 39.33 14.17
O6 GLA G . -3.30 41.51 12.77
C1 NAG H . 8.06 8.44 -42.04
C2 NAG H . 6.81 7.90 -42.72
C3 NAG H . 6.55 8.61 -44.04
C4 NAG H . 6.57 10.12 -43.89
C5 NAG H . 7.80 10.58 -43.09
C6 NAG H . 7.68 12.02 -42.69
C7 NAG H . 6.41 5.60 -42.16
C8 NAG H . 7.39 4.70 -41.38
N2 NAG H . 6.97 6.48 -42.98
O3 NAG H . 5.27 8.19 -44.57
O4 NAG H . 6.59 10.74 -45.21
O5 NAG H . 7.90 9.83 -41.85
O6 NAG H . 6.90 12.15 -41.51
O7 NAG H . 5.19 5.50 -42.00
C1 FUC H . 5.21 6.96 -45.27
C2 FUC H . 4.05 6.99 -46.26
C3 FUC H . 4.35 8.09 -47.29
C4 FUC H . 5.70 7.83 -47.99
C5 FUC H . 6.83 7.64 -46.95
C6 FUC H . 8.15 7.18 -47.53
O2 FUC H . 2.84 7.26 -45.59
O3 FUC H . 3.31 8.14 -48.26
O4 FUC H . 5.61 6.66 -48.81
O5 FUC H . 6.43 6.65 -45.97
C1 NAG H . 5.58 11.66 -45.48
C2 NAG H . 5.89 12.43 -46.77
C3 NAG H . 4.70 13.32 -47.15
C4 NAG H . 3.41 12.50 -47.19
C5 NAG H . 3.23 11.81 -45.85
C6 NAG H . 1.96 10.97 -45.76
C7 NAG H . 8.29 12.74 -46.65
C8 NAG H . 9.33 13.37 -45.73
N2 NAG H . 7.07 13.26 -46.59
O3 NAG H . 4.92 13.93 -48.42
O4 NAG H . 2.31 13.36 -47.49
O5 NAG H . 4.34 10.94 -45.60
O6 NAG H . 2.11 9.93 -44.80
O7 NAG H . 8.59 11.80 -47.39
C1 NAG I . 22.43 -0.10 -34.51
C2 NAG I . 22.69 -0.56 -35.95
C3 NAG I . 23.90 -1.50 -36.05
C4 NAG I . 25.12 -0.90 -35.35
C5 NAG I . 24.73 -0.45 -33.91
C6 NAG I . 25.82 0.29 -33.16
C7 NAG I . 20.99 -0.95 -37.61
C8 NAG I . 20.22 -2.03 -38.34
N2 NAG I . 21.52 -1.26 -36.43
O3 NAG I . 24.21 -1.72 -37.44
O4 NAG I . 26.22 -1.86 -35.32
O5 NAG I . 23.62 0.47 -33.96
O6 NAG I . 26.13 1.52 -33.80
O7 NAG I . 21.13 0.16 -38.12
C1 FUC I . 23.95 -3.01 -37.93
C2 FUC I . 24.22 -3.08 -39.43
C3 FUC I . 25.72 -2.90 -39.68
C4 FUC I . 26.50 -3.98 -38.93
C5 FUC I . 26.14 -3.97 -37.44
C6 FUC I . 26.73 -5.13 -36.67
O2 FUC I . 23.47 -2.11 -40.12
O3 FUC I . 26.00 -2.97 -41.07
O4 FUC I . 26.21 -5.26 -39.48
O5 FUC I . 24.70 -4.03 -37.25
C2 BGC J . 4.79 -4.95 -31.23
C3 BGC J . 5.80 -5.32 -30.15
C4 BGC J . 7.22 -5.14 -30.66
C5 BGC J . 7.32 -3.73 -31.18
C6 BGC J . 8.69 -3.37 -31.60
C1 BGC J . 5.08 -3.56 -31.83
O1 BGC J . 4.25 -3.28 -32.91
O2 BGC J . 3.52 -4.95 -30.62
O3 BGC J . 5.57 -6.66 -29.74
O4 BGC J . 8.16 -5.30 -29.59
O5 BGC J . 6.43 -3.52 -32.27
O6 BGC J . 9.44 -3.28 -30.37
C1 GLA J . 10.56 -2.47 -30.49
C2 GLA J . 11.03 -1.91 -29.12
C3 GLA J . 10.26 -0.66 -28.77
C4 GLA J . 10.45 0.34 -29.89
C5 GLA J . 9.80 -0.23 -31.12
C6 GLA J . 9.83 0.77 -32.27
O2 GLA J . 10.84 -2.86 -28.08
O3 GLA J . 10.74 -0.15 -27.54
O4 GLA J . 11.83 0.51 -30.14
O5 GLA J . 10.47 -1.44 -31.51
O6 GLA J . 9.70 0.19 -33.57
C1 NAG K . 12.70 -49.87 1.95
C2 NAG K . 13.86 -50.27 2.86
C3 NAG K . 13.71 -51.67 3.46
C4 NAG K . 12.29 -51.91 4.02
C5 NAG K . 11.24 -51.47 2.98
C6 NAG K . 9.84 -51.56 3.51
C7 NAG K . 15.92 -49.18 2.33
C8 NAG K . 16.27 -48.31 1.12
N2 NAG K . 15.11 -50.20 2.13
O3 NAG K . 14.68 -51.80 4.52
O4 NAG K . 12.12 -53.31 4.35
O5 NAG K . 11.46 -50.09 2.62
O6 NAG K . 9.54 -50.46 4.36
O7 NAG K . 16.39 -48.90 3.43
C1 NAG K . 11.41 -53.55 5.53
C2 NAG K . 10.69 -54.90 5.45
C3 NAG K . 9.98 -55.18 6.76
C4 NAG K . 10.91 -55.01 7.99
C5 NAG K . 11.67 -53.69 7.89
C6 NAG K . 12.73 -53.58 8.97
C7 NAG K . 9.94 -55.55 3.26
C8 NAG K . 8.72 -56.06 2.52
N2 NAG K . 9.73 -54.88 4.38
O3 NAG K . 9.50 -56.51 6.74
O4 NAG K . 10.16 -55.01 9.22
O5 NAG K . 12.34 -53.56 6.62
O6 NAG K . 12.40 -54.37 10.10
O7 NAG K . 11.07 -55.77 2.82
C1 BMA K . 9.43 -56.16 9.56
C2 BMA K . 9.63 -56.50 11.06
C3 BMA K . 9.20 -55.32 11.95
C4 BMA K . 8.19 -54.41 11.23
C5 BMA K . 7.27 -55.24 10.32
C6 BMA K . 6.19 -54.40 9.62
O2 BMA K . 10.99 -56.83 11.31
O3 BMA K . 10.35 -54.55 12.30
O4 BMA K . 7.40 -53.70 12.18
O5 BMA K . 8.03 -55.94 9.27
O6 BMA K . 5.68 -53.40 10.48
C1 FUC K . 15.89 -52.40 4.17
C2 FUC K . 16.76 -52.54 5.42
C3 FUC K . 16.05 -53.51 6.38
C4 FUC K . 15.83 -54.88 5.69
C5 FUC K . 15.03 -54.66 4.39
C6 FUC K . 14.88 -55.93 3.59
O2 FUC K . 16.91 -51.26 6.00
O3 FUC K . 16.80 -53.67 7.59
O4 FUC K . 17.09 -55.46 5.36
O5 FUC K . 15.71 -53.70 3.56
C1 NAG L . 12.40 -42.51 -15.28
C2 NAG L . 13.12 -43.66 -16.01
C3 NAG L . 13.17 -43.47 -17.56
C4 NAG L . 11.91 -42.80 -18.15
C5 NAG L . 11.37 -41.68 -17.27
C6 NAG L . 10.03 -41.16 -17.75
C7 NAG L . 14.85 -44.78 -14.74
C8 NAG L . 16.34 -44.87 -14.41
N2 NAG L . 14.48 -43.76 -15.51
O3 NAG L . 13.27 -44.78 -18.14
O4 NAG L . 12.21 -42.29 -19.47
O5 NAG L . 11.16 -42.18 -15.93
O6 NAG L . 10.10 -39.78 -18.06
O7 NAG L . 14.07 -45.61 -14.27
C1 NAG L . 11.52 -42.88 -20.55
C2 NAG L . 11.59 -41.98 -21.80
C3 NAG L . 10.86 -42.69 -22.96
C4 NAG L . 11.46 -44.09 -23.17
C5 NAG L . 11.44 -44.88 -21.85
C6 NAG L . 12.10 -46.25 -21.95
C7 NAG L . 11.72 -39.61 -21.37
C8 NAG L . 11.12 -38.47 -20.55
N2 NAG L . 10.97 -40.69 -21.54
O3 NAG L . 10.97 -41.93 -24.16
O4 NAG L . 10.70 -44.77 -24.18
O5 NAG L . 12.14 -44.15 -20.83
O6 NAG L . 11.99 -46.98 -20.72
O7 NAG L . 12.86 -39.49 -21.84
C2 BGC M . 21.95 -37.27 -0.58
C3 BGC M . 21.95 -35.93 -1.27
C4 BGC M . 21.74 -36.06 -2.80
C5 BGC M . 20.45 -36.88 -3.04
C6 BGC M . 20.01 -37.13 -4.48
C1 BGC M . 20.63 -38.00 -0.93
O1 BGC M . 20.57 -39.24 -0.31
O2 BGC M . 22.06 -37.05 0.80
O3 BGC M . 23.17 -35.29 -0.99
O4 BGC M . 21.62 -34.76 -3.39
O5 BGC M . 20.51 -38.17 -2.36
O6 BGC M . 19.17 -36.02 -4.87
C1 GLA M . 18.05 -36.35 -5.65
C2 GLA M . 17.15 -35.10 -5.87
C3 GLA M . 16.33 -34.78 -4.63
C4 GLA M . 15.58 -36.02 -4.14
C5 GLA M . 16.55 -37.18 -3.92
C6 GLA M . 15.83 -38.46 -3.57
O2 GLA M . 17.96 -33.97 -6.20
O3 GLA M . 15.40 -33.76 -4.94
O4 GLA M . 14.61 -36.39 -5.11
O5 GLA M . 17.28 -37.45 -5.14
O6 GLA M . 16.70 -39.48 -3.13
C1 NAG N . -22.87 0.43 33.58
C2 NAG N . -23.85 1.12 34.53
C3 NAG N . -23.19 2.34 35.21
C4 NAG N . -21.78 2.05 35.72
C5 NAG N . -20.95 1.30 34.68
C6 NAG N . -19.61 0.85 35.25
C7 NAG N . -26.19 1.00 34.05
C8 NAG N . -27.30 1.90 34.56
N2 NAG N . -25.02 1.54 33.78
O3 NAG N . -24.00 2.74 36.32
O4 NAG N . -21.16 3.31 36.05
O5 NAG N . -21.64 0.12 34.24
O6 NAG N . -18.53 1.46 34.56
O7 NAG N . -26.41 -0.20 33.92
C1 FUC N . -24.95 3.70 36.02
C2 FUC N . -25.83 3.96 37.26
C3 FUC N . -25.08 4.81 38.30
C4 FUC N . -24.52 6.08 37.62
C5 FUC N . -23.60 5.65 36.47
C6 FUC N . -22.95 6.81 35.74
O2 FUC N . -26.20 2.72 37.85
O3 FUC N . -25.95 5.14 39.38
O4 FUC N . -25.61 6.86 37.09
O5 FUC N . -24.37 4.90 35.51
C1 NAG N . -20.53 3.37 37.28
C2 NAG N . -19.68 4.64 37.36
C3 NAG N . -18.99 4.69 38.72
C4 NAG N . -20.05 4.66 39.84
C5 NAG N . -20.97 3.42 39.65
C6 NAG N . -22.14 3.42 40.61
C7 NAG N . -18.45 5.82 35.70
C8 NAG N . -17.20 6.56 36.14
N2 NAG N . -18.71 4.67 36.30
O3 NAG N . -18.19 5.87 38.82
O4 NAG N . -19.40 4.60 41.13
O5 NAG N . -21.53 3.38 38.31
O6 NAG N . -23.14 2.52 40.19
O7 NAG N . -19.18 6.29 34.80
C2 BGC O . -28.37 2.39 16.00
C3 BGC O . -27.19 3.38 15.97
C4 BGC O . -26.68 3.68 17.40
C5 BGC O . -26.37 2.33 18.16
C6 BGC O . -25.87 2.40 19.62
C1 BGC O . -27.92 1.14 16.78
O1 BGC O . -28.93 0.19 16.82
O2 BGC O . -28.77 2.02 14.68
O3 BGC O . -27.53 4.61 15.32
O4 BGC O . -25.50 4.48 17.31
O5 BGC O . -27.54 1.48 18.13
O6 BGC O . -24.56 1.78 19.74
C1 GLA O . -24.11 1.52 21.06
C2 GLA O . -22.61 1.12 21.05
C3 GLA O . -22.45 -0.23 20.32
C4 GLA O . -23.32 -1.29 20.96
C5 GLA O . -24.79 -0.82 21.06
C6 GLA O . -25.64 -1.78 21.90
O2 GLA O . -21.83 2.12 20.40
O3 GLA O . -21.09 -0.64 20.37
O4 GLA O . -22.81 -1.58 22.25
O5 GLA O . -24.87 0.48 21.70
O6 GLA O . -26.99 -1.86 21.45
MN MN P . 0.12 28.01 8.56
CA CA Q . -1.63 31.92 9.75
MN MN R . 6.27 2.73 -19.29
CA CA S . 7.70 2.07 -23.44
MN MN T . 12.27 -26.26 0.14
CA CA U . 13.55 -30.34 -1.59
MN MN V . -14.83 -3.62 12.92
CA CA W . -18.34 -3.05 16.21
#